data_2AEL
#
_entry.id   2AEL
#
_cell.length_a   122.710
_cell.length_b   122.710
_cell.length_c   151.040
_cell.angle_alpha   90.00
_cell.angle_beta   90.00
_cell.angle_gamma   120.00
#
_symmetry.space_group_name_H-M   'P 31 2 1'
#
loop_
_entity.id
_entity.type
_entity.pdbx_description
1 polymer 'Trichodiene synthase'
2 non-polymer 1,2-ETHANEDIOL
3 non-polymer 'MAGNESIUM ION'
4 non-polymer (1S)-N,4-DIMETHYL-N-(4-METHYLPENT-3-ENYL)CYCLOHEX-3-ENAMINIUM
5 non-polymer 'PYROPHOSPHATE 2-'
6 water water
#
_entity_poly.entity_id   1
_entity_poly.type   'polypeptide(L)'
_entity_poly.pdbx_seq_one_letter_code
;MENFPTEYFLNTTVRLLEYIRYRDSNYTREERIENLHYAYNKAAHHFAQPRQQQLLKVDPKRLQASLQTIVGMVVYSWAK
VSKECMADLSIHYTYTLVLDDSKDDPYPTMVNYFDDLQAGREQAHPWWALVNEHFPNVLRHFGPFCSLNLIRSTLDFFEG
CWIEQYNFGGFPGSHDYPQFLRRMNGLGHCVGASLWPKEQFNERSLFLEITSAIAQMENWMVWVNDLMSFYKEFDDERDQ
ISLVKNYVVSDEISLHEALEKLTQDTLHSSKQMVAVFSDKDPQVMDTIECFMHGYVTWHLCDRKYRLSEIYEKVKEEKTE
DAQKFCKFYEQAANVGAVSPSEWAYPPVAQLANVRSKDVKEVQKPFLSSIELVE
;
_entity_poly.pdbx_strand_id   A,B
#
loop_
_chem_comp.id
_chem_comp.type
_chem_comp.name
_chem_comp.formula
EDO non-polymer 1,2-ETHANEDIOL 'C2 H6 O2'
MG non-polymer 'MAGNESIUM ION' 'Mg 2'
POP non-polymer 'PYROPHOSPHATE 2-' 'H2 O7 P2 -2'
SAZ non-polymer (1S)-N,4-DIMETHYL-N-(4-METHYLPENT-3-ENYL)CYCLOHEX-3-ENAMINIUM 'C14 H26 N 1'
#
# COMPACT_ATOMS: atom_id res chain seq x y z
N ASN A 3 -33.42 11.35 -0.27
CA ASN A 3 -33.06 12.68 -0.69
C ASN A 3 -31.62 12.99 -0.32
N PHE A 4 -30.96 13.82 -1.12
CA PHE A 4 -29.56 14.20 -0.92
C PHE A 4 -29.34 15.19 0.22
N PRO A 5 -28.34 14.94 1.09
CA PRO A 5 -28.00 15.81 2.23
C PRO A 5 -27.40 17.13 1.73
N THR A 6 -28.22 17.97 1.13
CA THR A 6 -27.74 19.22 0.59
C THR A 6 -27.11 20.19 1.58
N GLU A 7 -27.69 20.36 2.76
CA GLU A 7 -27.10 21.30 3.71
C GLU A 7 -25.84 20.74 4.35
N TYR A 8 -25.87 19.46 4.72
CA TYR A 8 -24.71 18.82 5.33
C TYR A 8 -23.54 18.82 4.33
N PHE A 9 -23.85 18.53 3.08
CA PHE A 9 -22.83 18.48 2.03
C PHE A 9 -22.17 19.85 1.90
N LEU A 10 -23.00 20.89 1.86
CA LEU A 10 -22.52 22.27 1.74
C LEU A 10 -21.54 22.63 2.86
N ASN A 11 -21.95 22.42 4.11
CA ASN A 11 -21.09 22.72 5.25
C ASN A 11 -19.72 22.07 5.15
N THR A 12 -19.70 20.77 4.86
CA THR A 12 -18.44 20.03 4.76
C THR A 12 -17.54 20.56 3.65
N THR A 13 -18.14 20.91 2.50
CA THR A 13 -17.37 21.41 1.38
C THR A 13 -16.76 22.78 1.67
N VAL A 14 -17.53 23.66 2.30
CA VAL A 14 -17.05 24.99 2.66
C VAL A 14 -15.96 24.88 3.71
N ARG A 15 -16.15 23.97 4.66
CA ARG A 15 -15.16 23.73 5.71
C ARG A 15 -13.87 23.29 5.03
N LEU A 16 -14.00 22.33 4.11
CA LEU A 16 -12.86 21.82 3.37
C LEU A 16 -12.08 22.93 2.66
N LEU A 17 -12.79 23.83 2.01
CA LEU A 17 -12.14 24.93 1.29
C LEU A 17 -11.52 25.98 2.21
N GLU A 18 -12.13 26.23 3.36
CA GLU A 18 -11.56 27.20 4.29
C GLU A 18 -10.25 26.62 4.82
N TYR A 19 -10.30 25.36 5.24
CA TYR A 19 -9.14 24.66 5.77
C TYR A 19 -7.94 24.73 4.83
N ILE A 20 -8.12 24.33 3.58
CA ILE A 20 -7.01 24.36 2.63
C ILE A 20 -6.68 25.77 2.15
N ARG A 21 -7.48 26.74 2.59
CA ARG A 21 -7.28 28.13 2.22
C ARG A 21 -7.56 28.35 0.75
N TYR A 22 -8.62 27.74 0.25
CA TYR A 22 -8.96 27.89 -1.15
C TYR A 22 -8.97 29.37 -1.53
N ARG A 23 -8.11 29.74 -2.47
CA ARG A 23 -8.04 31.14 -2.90
C ARG A 23 -7.49 31.29 -4.31
N ASP A 24 -7.51 32.53 -4.79
CA ASP A 24 -7.04 32.89 -6.12
C ASP A 24 -5.54 32.60 -6.29
N SER A 25 -5.13 32.22 -7.49
CA SER A 25 -3.72 31.94 -7.77
C SER A 25 -3.23 32.86 -8.88
N ASN A 26 -1.92 32.86 -9.12
CA ASN A 26 -1.32 33.65 -10.17
C ASN A 26 -1.30 32.89 -11.47
N TYR A 27 -2.09 31.80 -11.50
CA TYR A 27 -2.23 30.89 -12.64
C TYR A 27 -3.42 31.40 -13.47
N THR A 28 -3.14 32.10 -14.56
CA THR A 28 -4.20 32.68 -15.38
C THR A 28 -4.97 31.74 -16.28
N ARG A 29 -5.99 32.30 -16.91
CA ARG A 29 -6.85 31.56 -17.82
C ARG A 29 -6.07 31.33 -19.11
N GLU A 30 -5.29 32.33 -19.51
CA GLU A 30 -4.52 32.21 -20.74
C GLU A 30 -3.45 31.13 -20.63
N GLU A 31 -2.84 31.04 -19.45
CA GLU A 31 -1.81 30.04 -19.22
C GLU A 31 -2.45 28.67 -19.16
N ARG A 32 -3.61 28.61 -18.50
CA ARG A 32 -4.39 27.38 -18.35
C ARG A 32 -4.64 26.81 -19.74
N ILE A 33 -5.17 27.64 -20.61
CA ILE A 33 -5.48 27.25 -21.97
C ILE A 33 -4.25 26.82 -22.74
N GLU A 34 -3.11 27.46 -22.48
CA GLU A 34 -1.88 27.09 -23.17
C GLU A 34 -1.50 25.68 -22.74
N ASN A 35 -1.57 25.43 -21.44
CA ASN A 35 -1.21 24.13 -20.90
C ASN A 35 -2.21 23.05 -21.34
N LEU A 36 -3.51 23.33 -21.17
CA LEU A 36 -4.54 22.38 -21.56
C LEU A 36 -4.32 21.93 -23.00
N HIS A 37 -4.24 22.88 -23.93
CA HIS A 37 -4.03 22.53 -25.33
C HIS A 37 -2.74 21.77 -25.56
N TYR A 38 -1.65 22.23 -24.96
CA TYR A 38 -0.38 21.54 -25.15
C TYR A 38 -0.45 20.07 -24.73
N ALA A 39 -0.96 19.85 -23.53
CA ALA A 39 -1.08 18.50 -22.98
C ALA A 39 -2.04 17.65 -23.82
N TYR A 40 -3.17 18.21 -24.20
CA TYR A 40 -4.15 17.48 -25.00
C TYR A 40 -3.58 17.09 -26.35
N ASN A 41 -2.95 18.04 -27.03
CA ASN A 41 -2.39 17.82 -28.36
C ASN A 41 -1.38 16.66 -28.42
N LYS A 42 -0.47 16.61 -27.46
CA LYS A 42 0.52 15.54 -27.46
C LYS A 42 -0.12 14.19 -27.14
N ALA A 43 -1.05 14.20 -26.19
CA ALA A 43 -1.77 12.99 -25.78
C ALA A 43 -2.64 12.48 -26.93
N ALA A 44 -3.41 13.39 -27.54
CA ALA A 44 -4.28 13.04 -28.65
C ALA A 44 -3.50 12.36 -29.76
N HIS A 45 -2.31 12.89 -30.06
CA HIS A 45 -1.47 12.30 -31.11
C HIS A 45 -0.94 10.94 -30.68
N HIS A 46 -0.78 10.74 -29.38
CA HIS A 46 -0.28 9.48 -28.87
C HIS A 46 -1.32 8.38 -29.02
N PHE A 47 -2.53 8.63 -28.51
CA PHE A 47 -3.62 7.68 -28.59
C PHE A 47 -4.18 7.49 -30.00
N ALA A 48 -3.74 8.35 -30.94
CA ALA A 48 -4.20 8.26 -32.31
C ALA A 48 -3.25 7.42 -33.16
N GLN A 49 -2.14 6.95 -32.58
CA GLN A 49 -1.21 6.13 -33.35
C GLN A 49 -1.84 4.76 -33.57
N PRO A 50 -1.70 4.20 -34.78
CA PRO A 50 -2.27 2.89 -35.07
C PRO A 50 -2.08 1.83 -33.95
N ARG A 51 -0.86 1.70 -33.43
CA ARG A 51 -0.62 0.72 -32.38
C ARG A 51 -1.50 0.89 -31.14
N GLN A 52 -1.59 2.11 -30.61
CA GLN A 52 -2.39 2.38 -29.42
C GLN A 52 -3.87 2.15 -29.75
N GLN A 53 -4.23 2.49 -30.97
CA GLN A 53 -5.59 2.36 -31.47
C GLN A 53 -6.05 0.89 -31.56
N GLN A 54 -5.12 -0.03 -31.79
CA GLN A 54 -5.53 -1.41 -31.89
C GLN A 54 -5.41 -2.24 -30.63
N LEU A 55 -4.48 -1.91 -29.73
CA LEU A 55 -4.34 -2.70 -28.50
C LEU A 55 -5.22 -2.21 -27.35
N LEU A 56 -5.55 -0.91 -27.36
CA LEU A 56 -6.37 -0.34 -26.30
C LEU A 56 -7.84 -0.35 -26.71
N LYS A 57 -8.56 -1.40 -26.35
CA LYS A 57 -9.97 -1.50 -26.72
C LYS A 57 -10.83 -0.58 -25.87
N VAL A 58 -11.18 0.57 -26.43
CA VAL A 58 -12.00 1.56 -25.73
C VAL A 58 -12.88 2.24 -26.74
N ASP A 59 -14.11 2.54 -26.34
CA ASP A 59 -15.04 3.24 -27.21
C ASP A 59 -14.43 4.61 -27.47
N PRO A 60 -14.38 5.03 -28.73
CA PRO A 60 -13.81 6.33 -29.11
C PRO A 60 -14.36 7.55 -28.34
N LYS A 61 -15.68 7.64 -28.22
CA LYS A 61 -16.28 8.76 -27.51
C LYS A 61 -15.89 8.77 -26.04
N ARG A 62 -15.80 7.59 -25.44
CA ARG A 62 -15.42 7.52 -24.03
C ARG A 62 -13.95 7.88 -23.86
N LEU A 63 -13.12 7.45 -24.80
CA LEU A 63 -11.70 7.75 -24.74
C LEU A 63 -11.52 9.27 -24.81
N GLN A 64 -12.25 9.91 -25.71
CA GLN A 64 -12.23 11.35 -25.91
C GLN A 64 -12.63 12.07 -24.62
N ALA A 65 -13.68 11.58 -23.97
CA ALA A 65 -14.15 12.20 -22.75
C ALA A 65 -13.18 11.96 -21.61
N SER A 66 -12.61 10.76 -21.54
CA SER A 66 -11.66 10.43 -20.49
C SER A 66 -10.40 11.28 -20.59
N LEU A 67 -9.88 11.43 -21.81
CA LEU A 67 -8.67 12.25 -22.02
C LEU A 67 -8.91 13.71 -21.61
N GLN A 68 -10.06 14.26 -21.95
CA GLN A 68 -10.38 15.64 -21.59
C GLN A 68 -10.51 15.81 -20.08
N THR A 69 -11.07 14.82 -19.41
CA THR A 69 -11.22 14.88 -17.96
C THR A 69 -9.83 14.83 -17.30
N ILE A 70 -8.96 13.95 -17.80
CA ILE A 70 -7.62 13.77 -17.26
C ILE A 70 -6.69 14.96 -17.51
N VAL A 71 -6.63 15.44 -18.76
CA VAL A 71 -5.79 16.60 -19.06
C VAL A 71 -6.17 17.73 -18.10
N GLY A 72 -7.47 17.92 -17.91
CA GLY A 72 -7.93 18.98 -17.03
C GLY A 72 -7.43 18.79 -15.61
N MET A 73 -7.45 17.55 -15.14
CA MET A 73 -7.00 17.26 -13.79
C MET A 73 -5.51 17.57 -13.65
N VAL A 74 -4.72 17.12 -14.61
CA VAL A 74 -3.28 17.34 -14.54
C VAL A 74 -2.89 18.81 -14.64
N VAL A 75 -3.27 19.45 -15.74
CA VAL A 75 -2.96 20.85 -15.94
C VAL A 75 -3.35 21.71 -14.74
N TYR A 76 -4.54 21.46 -14.19
CA TYR A 76 -5.03 22.22 -13.05
C TYR A 76 -4.44 21.90 -11.70
N SER A 77 -3.81 20.74 -11.55
CA SER A 77 -3.27 20.38 -10.24
C SER A 77 -1.76 20.32 -10.16
N TRP A 78 -1.12 19.91 -11.24
CA TRP A 78 0.34 19.84 -11.30
C TRP A 78 0.79 21.19 -11.93
N ALA A 79 0.25 22.28 -11.41
CA ALA A 79 0.53 23.63 -11.91
C ALA A 79 1.99 24.06 -12.04
N LYS A 80 2.88 23.54 -11.20
CA LYS A 80 4.29 23.93 -11.25
C LYS A 80 5.20 23.14 -12.17
N VAL A 81 4.73 22.04 -12.77
CA VAL A 81 5.60 21.25 -13.64
C VAL A 81 5.62 21.77 -15.08
N SER A 82 6.56 21.30 -15.89
CA SER A 82 6.64 21.76 -17.26
C SER A 82 5.48 21.25 -18.10
N LYS A 83 5.37 21.78 -19.32
CA LYS A 83 4.32 21.35 -20.23
C LYS A 83 4.54 19.89 -20.60
N GLU A 84 5.78 19.53 -20.89
CA GLU A 84 6.09 18.15 -21.25
C GLU A 84 5.65 17.21 -20.13
N CYS A 85 5.93 17.60 -18.89
CA CYS A 85 5.56 16.78 -17.75
C CYS A 85 4.04 16.60 -17.65
N MET A 86 3.29 17.69 -17.75
CA MET A 86 1.83 17.61 -17.70
C MET A 86 1.30 16.70 -18.80
N ALA A 87 1.92 16.77 -19.98
CA ALA A 87 1.52 15.98 -21.13
C ALA A 87 1.73 14.49 -20.86
N ASP A 88 2.97 14.14 -20.52
CA ASP A 88 3.29 12.75 -20.26
C ASP A 88 2.49 12.14 -19.11
N LEU A 89 2.15 12.95 -18.12
CA LEU A 89 1.37 12.45 -17.00
C LEU A 89 -0.09 12.28 -17.42
N SER A 90 -0.52 13.12 -18.38
CA SER A 90 -1.88 13.05 -18.88
C SER A 90 -2.08 11.73 -19.62
N ILE A 91 -1.05 11.29 -20.32
CA ILE A 91 -1.13 10.03 -21.05
C ILE A 91 -1.25 8.86 -20.07
N HIS A 92 -0.39 8.85 -19.05
CA HIS A 92 -0.41 7.81 -18.04
C HIS A 92 -1.72 7.72 -17.27
N TYR A 93 -2.20 8.86 -16.79
CA TYR A 93 -3.43 8.85 -16.01
C TYR A 93 -4.67 8.60 -16.87
N THR A 94 -4.51 8.74 -18.19
CA THR A 94 -5.60 8.46 -19.10
C THR A 94 -5.63 6.93 -19.30
N TYR A 95 -4.45 6.30 -19.33
CA TYR A 95 -4.39 4.85 -19.45
C TYR A 95 -5.07 4.22 -18.26
N THR A 96 -4.75 4.73 -17.07
CA THR A 96 -5.33 4.20 -15.85
C THR A 96 -6.85 4.35 -15.81
N LEU A 97 -7.35 5.54 -16.13
CA LEU A 97 -8.80 5.76 -16.12
C LEU A 97 -9.49 4.81 -17.12
N VAL A 98 -8.86 4.64 -18.27
CA VAL A 98 -9.41 3.79 -19.31
C VAL A 98 -9.55 2.31 -18.94
N LEU A 99 -8.67 1.81 -18.07
CA LEU A 99 -8.71 0.41 -17.64
C LEU A 99 -10.03 0.04 -16.92
N ASP A 100 -10.71 1.03 -16.34
CA ASP A 100 -11.98 0.72 -15.67
C ASP A 100 -13.08 0.41 -16.68
N ASP A 101 -12.75 0.45 -17.97
CA ASP A 101 -13.72 0.16 -19.02
C ASP A 101 -13.69 -1.31 -19.38
N SER A 102 -12.60 -1.97 -19.04
CA SER A 102 -12.46 -3.39 -19.36
C SER A 102 -13.20 -4.23 -18.35
N LYS A 103 -13.81 -5.29 -18.87
CA LYS A 103 -14.56 -6.23 -18.06
C LYS A 103 -13.72 -7.50 -18.07
N ASP A 104 -12.93 -7.66 -19.11
CA ASP A 104 -12.09 -8.85 -19.29
C ASP A 104 -11.31 -9.25 -18.05
N ASP A 105 -11.44 -10.54 -17.73
CA ASP A 105 -10.79 -11.14 -16.60
C ASP A 105 -9.27 -11.14 -16.84
N PRO A 106 -8.50 -10.59 -15.88
CA PRO A 106 -7.04 -10.54 -16.02
C PRO A 106 -6.35 -11.89 -15.82
N TYR A 107 -7.05 -12.84 -15.19
CA TYR A 107 -6.44 -14.13 -14.89
C TYR A 107 -5.58 -14.72 -16.02
N PRO A 108 -6.19 -15.05 -17.17
CA PRO A 108 -5.45 -15.63 -18.30
C PRO A 108 -4.19 -14.84 -18.72
N THR A 109 -4.28 -13.51 -18.74
CA THR A 109 -3.14 -12.69 -19.16
C THR A 109 -2.09 -12.42 -18.09
N MET A 110 -2.31 -12.94 -16.89
CA MET A 110 -1.36 -12.73 -15.81
C MET A 110 -0.63 -14.00 -15.35
N VAL A 111 -0.99 -15.14 -15.94
CA VAL A 111 -0.40 -16.43 -15.59
C VAL A 111 1.14 -16.41 -15.74
N ASN A 112 1.64 -15.69 -16.74
CA ASN A 112 3.08 -15.63 -16.97
C ASN A 112 3.64 -14.22 -16.75
N TYR A 113 2.92 -13.41 -16.00
CA TYR A 113 3.32 -12.03 -15.73
C TYR A 113 4.78 -11.91 -15.33
N PHE A 114 5.15 -12.58 -14.24
CA PHE A 114 6.52 -12.50 -13.76
C PHE A 114 7.60 -13.03 -14.69
N ASP A 115 7.40 -14.20 -15.28
CA ASP A 115 8.42 -14.73 -16.17
C ASP A 115 8.63 -13.83 -17.37
N ASP A 116 7.55 -13.28 -17.93
CA ASP A 116 7.69 -12.41 -19.07
C ASP A 116 8.43 -11.14 -18.64
N LEU A 117 8.08 -10.60 -17.48
CA LEU A 117 8.71 -9.39 -16.96
C LEU A 117 10.20 -9.60 -16.74
N GLN A 118 10.56 -10.72 -16.11
CA GLN A 118 11.95 -11.02 -15.81
C GLN A 118 12.73 -11.31 -17.09
N ALA A 119 12.07 -11.86 -18.09
CA ALA A 119 12.74 -12.18 -19.36
C ALA A 119 12.76 -11.01 -20.36
N GLY A 120 11.99 -9.97 -20.08
CA GLY A 120 11.93 -8.85 -21.00
C GLY A 120 11.04 -9.09 -22.22
N ARG A 121 10.14 -10.07 -22.14
CA ARG A 121 9.20 -10.35 -23.22
C ARG A 121 7.97 -9.46 -23.05
N GLU A 122 7.35 -9.05 -24.17
CA GLU A 122 6.17 -8.21 -24.06
C GLU A 122 5.04 -8.90 -23.28
N GLN A 123 4.40 -8.15 -22.38
CA GLN A 123 3.31 -8.67 -21.56
C GLN A 123 2.10 -9.09 -22.38
N ALA A 124 1.45 -10.18 -21.95
CA ALA A 124 0.28 -10.69 -22.63
C ALA A 124 -0.89 -9.75 -22.50
N HIS A 125 -1.08 -9.15 -21.32
CA HIS A 125 -2.20 -8.22 -21.17
C HIS A 125 -1.85 -6.95 -21.93
N PRO A 126 -2.65 -6.62 -22.96
CA PRO A 126 -2.48 -5.44 -23.82
C PRO A 126 -2.29 -4.11 -23.10
N TRP A 127 -3.02 -3.90 -22.02
CA TRP A 127 -2.89 -2.66 -21.26
C TRP A 127 -1.45 -2.52 -20.76
N TRP A 128 -0.89 -3.60 -20.20
CA TRP A 128 0.47 -3.56 -19.69
C TRP A 128 1.46 -3.32 -20.83
N ALA A 129 1.15 -3.85 -22.01
CA ALA A 129 2.06 -3.68 -23.13
C ALA A 129 2.22 -2.19 -23.44
N LEU A 130 1.11 -1.48 -23.59
CA LEU A 130 1.14 -0.06 -23.89
C LEU A 130 1.73 0.74 -22.73
N VAL A 131 1.19 0.53 -21.54
CA VAL A 131 1.64 1.25 -20.35
C VAL A 131 3.13 1.09 -20.01
N ASN A 132 3.67 -0.12 -20.07
CA ASN A 132 5.09 -0.30 -19.76
C ASN A 132 5.99 0.25 -20.85
N GLU A 133 5.51 0.19 -22.09
CA GLU A 133 6.28 0.71 -23.21
C GLU A 133 6.32 2.25 -23.11
N HIS A 134 5.25 2.86 -22.63
CA HIS A 134 5.22 4.31 -22.52
C HIS A 134 5.73 4.89 -21.20
N PHE A 135 5.84 4.05 -20.17
CA PHE A 135 6.30 4.51 -18.86
C PHE A 135 7.57 5.37 -18.85
N PRO A 136 8.61 4.98 -19.63
CA PRO A 136 9.83 5.79 -19.62
C PRO A 136 9.60 7.30 -19.82
N ASN A 137 8.66 7.65 -20.71
CA ASN A 137 8.33 9.06 -20.99
C ASN A 137 7.84 9.79 -19.74
N VAL A 138 7.27 9.05 -18.80
CA VAL A 138 6.79 9.63 -17.56
C VAL A 138 7.94 9.65 -16.57
N LEU A 139 8.65 8.52 -16.48
CA LEU A 139 9.75 8.36 -15.53
C LEU A 139 10.97 9.25 -15.73
N ARG A 140 11.23 9.67 -16.96
CA ARG A 140 12.39 10.52 -17.22
C ARG A 140 12.29 11.85 -16.46
N HIS A 141 11.09 12.22 -16.02
CA HIS A 141 10.89 13.47 -15.29
C HIS A 141 11.17 13.30 -13.79
N PHE A 142 11.49 12.10 -13.36
CA PHE A 142 11.70 11.86 -11.93
C PHE A 142 12.93 11.09 -11.51
N GLY A 143 13.26 11.23 -10.22
CA GLY A 143 14.39 10.53 -9.63
C GLY A 143 14.01 9.08 -9.36
N PRO A 144 14.98 8.22 -9.04
CA PRO A 144 14.72 6.80 -8.77
C PRO A 144 13.68 6.54 -7.68
N PHE A 145 13.72 7.32 -6.61
CA PHE A 145 12.78 7.11 -5.52
C PHE A 145 11.35 7.40 -5.95
N CYS A 146 11.15 8.53 -6.61
CA CYS A 146 9.82 8.90 -7.07
C CYS A 146 9.39 7.92 -8.15
N SER A 147 10.31 7.54 -9.02
CA SER A 147 9.98 6.59 -10.08
C SER A 147 9.40 5.31 -9.47
N LEU A 148 10.11 4.77 -8.48
CA LEU A 148 9.68 3.55 -7.82
C LEU A 148 8.26 3.69 -7.28
N ASN A 149 7.94 4.88 -6.76
CA ASN A 149 6.60 5.09 -6.23
C ASN A 149 5.56 5.05 -7.34
N LEU A 150 5.89 5.63 -8.50
CA LEU A 150 4.96 5.64 -9.63
C LEU A 150 4.71 4.21 -10.12
N ILE A 151 5.79 3.45 -10.21
CA ILE A 151 5.72 2.06 -10.66
C ILE A 151 4.85 1.18 -9.76
N ARG A 152 5.02 1.31 -8.45
CA ARG A 152 4.27 0.53 -7.48
C ARG A 152 2.78 0.85 -7.48
N SER A 153 2.48 2.15 -7.40
CA SER A 153 1.11 2.59 -7.34
C SER A 153 0.30 2.18 -8.56
N THR A 154 0.97 2.07 -9.71
CA THR A 154 0.29 1.67 -10.93
C THR A 154 0.03 0.17 -10.94
N LEU A 155 0.92 -0.58 -10.29
CA LEU A 155 0.78 -2.02 -10.20
C LEU A 155 -0.39 -2.26 -9.25
N ASP A 156 -0.42 -1.50 -8.16
CA ASP A 156 -1.49 -1.62 -7.20
C ASP A 156 -2.80 -1.34 -7.93
N PHE A 157 -2.80 -0.29 -8.75
CA PHE A 157 -4.00 0.10 -9.48
C PHE A 157 -4.50 -1.05 -10.35
N PHE A 158 -3.58 -1.77 -11.00
CA PHE A 158 -3.98 -2.90 -11.85
C PHE A 158 -4.71 -3.95 -11.00
N GLU A 159 -4.21 -4.24 -9.80
CA GLU A 159 -4.84 -5.22 -8.90
C GLU A 159 -6.17 -4.66 -8.42
N GLY A 160 -6.23 -3.34 -8.25
CA GLY A 160 -7.45 -2.73 -7.80
C GLY A 160 -8.57 -2.97 -8.81
N CYS A 161 -8.28 -2.74 -10.08
CA CYS A 161 -9.28 -2.94 -11.11
C CYS A 161 -9.73 -4.41 -11.19
N TRP A 162 -8.77 -5.32 -11.01
CA TRP A 162 -9.02 -6.76 -11.04
C TRP A 162 -10.08 -7.09 -9.97
N ILE A 163 -9.82 -6.65 -8.76
CA ILE A 163 -10.74 -6.87 -7.65
C ILE A 163 -12.11 -6.27 -7.93
N GLU A 164 -12.16 -5.08 -8.50
CA GLU A 164 -13.44 -4.44 -8.76
C GLU A 164 -14.32 -5.14 -9.78
N GLN A 165 -13.72 -5.98 -10.63
CA GLN A 165 -14.52 -6.71 -11.59
C GLN A 165 -15.51 -7.61 -10.84
N TYR A 166 -15.23 -7.90 -9.56
CA TYR A 166 -16.11 -8.73 -8.74
C TYR A 166 -17.27 -7.94 -8.10
N ASN A 167 -17.22 -6.63 -8.21
CA ASN A 167 -18.31 -5.80 -7.67
C ASN A 167 -18.56 -6.13 -6.20
N PHE A 168 -17.47 -6.24 -5.43
CA PHE A 168 -17.51 -6.61 -4.02
C PHE A 168 -17.24 -5.47 -3.03
N GLY A 169 -18.22 -5.19 -2.18
CA GLY A 169 -18.09 -4.15 -1.19
C GLY A 169 -17.47 -4.65 0.11
N GLY A 170 -17.20 -5.96 0.19
CA GLY A 170 -16.61 -6.52 1.39
C GLY A 170 -17.61 -7.31 2.20
N PHE A 171 -17.12 -8.24 3.01
CA PHE A 171 -18.00 -9.05 3.85
C PHE A 171 -18.42 -8.26 5.06
N PRO A 172 -19.70 -8.38 5.45
CA PRO A 172 -20.15 -7.62 6.62
C PRO A 172 -19.22 -8.01 7.78
N GLY A 173 -18.62 -7.01 8.43
CA GLY A 173 -17.72 -7.27 9.53
C GLY A 173 -16.25 -7.19 9.14
N SER A 174 -16.01 -6.97 7.86
CA SER A 174 -14.65 -6.87 7.33
C SER A 174 -14.24 -5.39 7.32
N HIS A 175 -14.13 -4.78 8.49
CA HIS A 175 -13.80 -3.36 8.62
C HIS A 175 -12.57 -2.83 7.86
N ASP A 176 -11.58 -3.69 7.61
CA ASP A 176 -10.37 -3.25 6.92
C ASP A 176 -10.47 -3.24 5.40
N TYR A 177 -11.52 -3.87 4.86
CA TYR A 177 -11.68 -3.97 3.42
C TYR A 177 -11.81 -2.67 2.61
N PRO A 178 -12.74 -1.79 3.01
CA PRO A 178 -12.97 -0.52 2.31
C PRO A 178 -11.73 0.34 2.02
N GLN A 179 -10.95 0.66 3.04
CA GLN A 179 -9.77 1.49 2.80
C GLN A 179 -8.66 0.74 2.08
N PHE A 180 -8.63 -0.57 2.28
CA PHE A 180 -7.66 -1.44 1.64
C PHE A 180 -7.88 -1.35 0.13
N LEU A 181 -9.15 -1.39 -0.28
CA LEU A 181 -9.51 -1.31 -1.67
C LEU A 181 -9.29 0.11 -2.24
N ARG A 182 -9.63 1.12 -1.44
CA ARG A 182 -9.49 2.51 -1.87
C ARG A 182 -8.03 2.87 -2.11
N ARG A 183 -7.12 2.28 -1.34
CA ARG A 183 -5.71 2.54 -1.53
C ARG A 183 -5.23 1.77 -2.76
N MET A 184 -5.83 0.62 -3.02
CA MET A 184 -5.47 -0.18 -4.19
C MET A 184 -5.75 0.58 -5.47
N ASN A 185 -6.96 1.14 -5.56
CA ASN A 185 -7.38 1.87 -6.77
C ASN A 185 -7.16 3.38 -6.78
N GLY A 186 -6.48 3.91 -5.75
CA GLY A 186 -6.29 5.34 -5.65
C GLY A 186 -5.16 6.03 -6.41
N LEU A 187 -4.06 5.33 -6.65
CA LEU A 187 -2.91 5.94 -7.33
C LEU A 187 -2.31 7.02 -6.44
N GLY A 188 -2.53 6.87 -5.14
CA GLY A 188 -2.03 7.82 -4.16
C GLY A 188 -0.53 8.06 -4.24
N HIS A 189 0.26 7.00 -4.35
CA HIS A 189 1.70 7.18 -4.41
C HIS A 189 2.15 7.58 -5.81
N CYS A 190 1.29 7.37 -6.79
CA CYS A 190 1.64 7.73 -8.15
C CYS A 190 1.52 9.26 -8.22
N VAL A 191 0.38 9.75 -7.74
CA VAL A 191 0.07 11.17 -7.69
C VAL A 191 1.08 11.89 -6.81
N GLY A 192 1.12 11.48 -5.54
CA GLY A 192 2.01 12.07 -4.57
C GLY A 192 3.45 12.25 -5.04
N ALA A 193 4.01 11.21 -5.64
CA ALA A 193 5.38 11.28 -6.11
C ALA A 193 5.54 12.03 -7.43
N SER A 194 4.50 12.03 -8.27
CA SER A 194 4.58 12.73 -9.55
C SER A 194 4.59 14.26 -9.38
N LEU A 195 4.40 14.71 -8.15
CA LEU A 195 4.40 16.15 -7.86
C LEU A 195 5.80 16.71 -7.68
N TRP A 196 6.82 15.87 -7.85
CA TRP A 196 8.20 16.33 -7.66
C TRP A 196 9.20 16.03 -8.76
N PRO A 197 9.09 16.68 -9.92
CA PRO A 197 10.03 16.44 -11.02
C PRO A 197 11.47 16.72 -10.56
N LYS A 198 12.42 15.91 -11.00
CA LYS A 198 13.81 16.10 -10.60
C LYS A 198 14.40 17.41 -11.14
N GLU A 199 13.64 18.08 -12.01
CA GLU A 199 14.08 19.33 -12.62
C GLU A 199 13.80 20.51 -11.67
N GLN A 200 12.85 20.35 -10.76
CA GLN A 200 12.50 21.40 -9.81
C GLN A 200 12.83 21.01 -8.37
N PHE A 201 13.05 19.73 -8.15
CA PHE A 201 13.33 19.27 -6.80
C PHE A 201 14.44 18.24 -6.72
N ASN A 202 15.15 18.25 -5.60
CA ASN A 202 16.22 17.30 -5.35
C ASN A 202 15.66 16.27 -4.40
N GLU A 203 15.35 15.12 -4.98
CA GLU A 203 14.78 13.97 -4.30
C GLU A 203 15.50 13.62 -3.01
N ARG A 204 16.82 13.74 -3.00
CA ARG A 204 17.60 13.39 -1.82
C ARG A 204 17.61 14.48 -0.76
N SER A 205 17.77 15.74 -1.16
CA SER A 205 17.79 16.85 -0.21
C SER A 205 16.42 17.03 0.44
N LEU A 206 15.38 16.60 -0.27
CA LEU A 206 14.03 16.75 0.25
C LEU A 206 13.33 15.41 0.52
N PHE A 207 14.10 14.34 0.58
CA PHE A 207 13.56 13.01 0.82
C PHE A 207 12.48 12.96 1.89
N LEU A 208 12.76 13.57 3.03
CA LEU A 208 11.79 13.55 4.13
C LEU A 208 10.46 14.22 3.81
N GLU A 209 10.50 15.43 3.27
CA GLU A 209 9.25 16.12 2.96
C GLU A 209 8.49 15.46 1.81
N ILE A 210 9.23 14.90 0.85
CA ILE A 210 8.60 14.22 -0.28
C ILE A 210 7.88 12.95 0.22
N THR A 211 8.61 12.13 0.99
CA THR A 211 8.06 10.92 1.56
C THR A 211 6.81 11.26 2.36
N SER A 212 6.87 12.37 3.10
CA SER A 212 5.73 12.79 3.92
C SER A 212 4.55 13.25 3.07
N ALA A 213 4.84 13.92 1.97
CA ALA A 213 3.78 14.40 1.08
C ALA A 213 3.01 13.19 0.53
N ILE A 214 3.74 12.14 0.20
CA ILE A 214 3.13 10.93 -0.33
C ILE A 214 2.20 10.29 0.71
N ALA A 215 2.68 10.15 1.94
CA ALA A 215 1.88 9.56 3.00
C ALA A 215 0.64 10.39 3.29
N GLN A 216 0.79 11.70 3.29
CA GLN A 216 -0.36 12.54 3.57
C GLN A 216 -1.24 12.80 2.36
N MET A 217 -0.63 13.04 1.21
CA MET A 217 -1.40 13.31 0.01
C MET A 217 -2.21 12.10 -0.45
N GLU A 218 -1.69 10.89 -0.25
CA GLU A 218 -2.41 9.69 -0.65
C GLU A 218 -3.86 9.74 -0.14
N ASN A 219 -4.02 9.95 1.16
CA ASN A 219 -5.36 9.99 1.75
C ASN A 219 -6.13 11.27 1.48
N TRP A 220 -5.46 12.41 1.34
CA TRP A 220 -6.18 13.65 1.08
C TRP A 220 -6.86 13.54 -0.28
N MET A 221 -6.04 13.25 -1.28
CA MET A 221 -6.48 13.13 -2.67
C MET A 221 -7.64 12.16 -2.89
N VAL A 222 -7.56 10.94 -2.34
CA VAL A 222 -8.65 9.98 -2.53
C VAL A 222 -9.92 10.33 -1.76
N TRP A 223 -9.79 10.79 -0.52
CA TRP A 223 -10.98 11.14 0.27
C TRP A 223 -11.69 12.38 -0.28
N VAL A 224 -10.93 13.30 -0.85
CA VAL A 224 -11.53 14.50 -1.43
C VAL A 224 -12.30 14.09 -2.68
N ASN A 225 -11.69 13.26 -3.53
CA ASN A 225 -12.37 12.80 -4.72
C ASN A 225 -13.67 12.08 -4.30
N ASP A 226 -13.58 11.27 -3.26
CA ASP A 226 -14.75 10.56 -2.77
C ASP A 226 -15.85 11.53 -2.34
N LEU A 227 -15.46 12.59 -1.64
CA LEU A 227 -16.42 13.58 -1.16
C LEU A 227 -17.07 14.36 -2.28
N MET A 228 -16.26 14.84 -3.23
CA MET A 228 -16.79 15.60 -4.36
C MET A 228 -17.63 14.73 -5.26
N SER A 229 -17.24 13.45 -5.40
CA SER A 229 -17.97 12.51 -6.24
C SER A 229 -19.27 12.04 -5.58
N PHE A 230 -19.37 12.22 -4.26
CA PHE A 230 -20.55 11.79 -3.53
C PHE A 230 -21.89 12.25 -4.10
N TYR A 231 -21.91 13.39 -4.77
CA TYR A 231 -23.16 13.89 -5.32
C TYR A 231 -23.58 13.15 -6.60
N LYS A 232 -22.66 13.03 -7.55
CA LYS A 232 -22.95 12.34 -8.81
C LYS A 232 -23.22 10.84 -8.64
N GLU A 233 -22.69 10.26 -7.56
CA GLU A 233 -22.87 8.84 -7.30
C GLU A 233 -24.03 8.52 -6.36
N PHE A 234 -24.64 9.54 -5.79
CA PHE A 234 -25.73 9.34 -4.84
C PHE A 234 -26.88 8.46 -5.35
N ASP A 235 -27.39 8.76 -6.54
CA ASP A 235 -28.50 8.01 -7.12
C ASP A 235 -28.09 7.05 -8.23
N ASP A 236 -26.79 6.96 -8.51
CA ASP A 236 -26.31 6.10 -9.58
C ASP A 236 -26.32 4.61 -9.21
N GLU A 237 -27.41 3.94 -9.57
CA GLU A 237 -27.55 2.51 -9.27
C GLU A 237 -26.51 1.64 -9.98
N ARG A 238 -25.73 2.22 -10.88
CA ARG A 238 -24.68 1.49 -11.59
C ARG A 238 -23.42 1.45 -10.72
N ASP A 239 -23.09 2.57 -10.09
CA ASP A 239 -21.93 2.68 -9.18
C ASP A 239 -22.34 2.01 -7.87
N GLN A 240 -21.82 0.82 -7.64
CA GLN A 240 -22.21 0.07 -6.45
C GLN A 240 -21.14 -0.17 -5.38
N ILE A 241 -19.87 0.09 -5.70
CA ILE A 241 -18.84 -0.17 -4.73
C ILE A 241 -17.85 0.97 -4.42
N SER A 242 -18.38 2.11 -4.01
CA SER A 242 -17.54 3.25 -3.65
C SER A 242 -17.08 3.07 -2.20
N LEU A 243 -16.11 3.88 -1.79
CA LEU A 243 -15.61 3.82 -0.42
C LEU A 243 -16.74 3.98 0.60
N VAL A 244 -17.60 4.97 0.39
CA VAL A 244 -18.70 5.20 1.30
C VAL A 244 -19.68 4.03 1.28
N LYS A 245 -19.99 3.52 0.10
CA LYS A 245 -20.92 2.39 -0.03
C LYS A 245 -20.34 1.13 0.59
N ASN A 246 -19.02 0.95 0.49
CA ASN A 246 -18.38 -0.22 1.08
C ASN A 246 -18.36 -0.09 2.61
N TYR A 247 -18.25 1.14 3.12
CA TYR A 247 -18.27 1.35 4.57
C TYR A 247 -19.61 0.81 5.07
N VAL A 248 -20.69 1.20 4.39
CA VAL A 248 -22.03 0.78 4.74
C VAL A 248 -22.15 -0.75 4.85
N VAL A 249 -21.64 -1.45 3.83
CA VAL A 249 -21.69 -2.90 3.79
C VAL A 249 -20.74 -3.60 4.74
N SER A 250 -19.47 -3.18 4.72
CA SER A 250 -18.45 -3.79 5.55
C SER A 250 -18.51 -3.47 7.04
N ASP A 251 -18.88 -2.22 7.37
CA ASP A 251 -18.96 -1.81 8.77
C ASP A 251 -20.37 -1.88 9.33
N GLU A 252 -21.32 -2.18 8.47
CA GLU A 252 -22.72 -2.31 8.89
C GLU A 252 -23.19 -1.06 9.61
N ILE A 253 -23.14 0.06 8.90
CA ILE A 253 -23.57 1.34 9.44
C ILE A 253 -24.43 1.98 8.36
N SER A 254 -25.07 3.10 8.69
CA SER A 254 -25.94 3.80 7.74
C SER A 254 -25.13 4.61 6.75
N LEU A 255 -25.73 4.91 5.60
CA LEU A 255 -25.03 5.71 4.59
C LEU A 255 -24.65 7.05 5.23
N HIS A 256 -25.49 7.53 6.14
CA HIS A 256 -25.24 8.79 6.83
C HIS A 256 -23.97 8.71 7.68
N GLU A 257 -23.83 7.59 8.42
CA GLU A 257 -22.66 7.40 9.27
C GLU A 257 -21.42 7.22 8.41
N ALA A 258 -21.58 6.57 7.27
CA ALA A 258 -20.47 6.33 6.36
C ALA A 258 -19.97 7.67 5.81
N LEU A 259 -20.92 8.55 5.50
CA LEU A 259 -20.59 9.88 5.00
C LEU A 259 -19.93 10.69 6.11
N GLU A 260 -20.41 10.51 7.34
CA GLU A 260 -19.85 11.21 8.50
C GLU A 260 -18.39 10.83 8.64
N LYS A 261 -18.11 9.53 8.52
CA LYS A 261 -16.75 9.03 8.63
C LYS A 261 -15.88 9.68 7.55
N LEU A 262 -16.40 9.73 6.32
CA LEU A 262 -15.66 10.32 5.22
C LEU A 262 -15.32 11.78 5.44
N THR A 263 -16.30 12.58 5.86
CA THR A 263 -16.05 14.00 6.09
C THR A 263 -15.06 14.22 7.23
N GLN A 264 -15.20 13.43 8.30
CA GLN A 264 -14.28 13.53 9.42
C GLN A 264 -12.84 13.31 8.97
N ASP A 265 -12.62 12.24 8.20
CA ASP A 265 -11.29 11.93 7.69
C ASP A 265 -10.81 12.99 6.71
N THR A 266 -11.70 13.48 5.86
CA THR A 266 -11.34 14.50 4.88
C THR A 266 -10.90 15.79 5.57
N LEU A 267 -11.71 16.27 6.51
CA LEU A 267 -11.38 17.50 7.21
C LEU A 267 -10.08 17.38 8.01
N HIS A 268 -9.96 16.31 8.80
CA HIS A 268 -8.76 16.11 9.60
C HIS A 268 -7.53 16.06 8.70
N SER A 269 -7.66 15.40 7.55
CA SER A 269 -6.56 15.28 6.61
C SER A 269 -6.17 16.67 6.09
N SER A 270 -7.19 17.50 5.87
CA SER A 270 -6.97 18.85 5.38
C SER A 270 -6.18 19.66 6.40
N LYS A 271 -6.64 19.63 7.66
CA LYS A 271 -5.97 20.35 8.74
C LYS A 271 -4.50 19.97 8.89
N GLN A 272 -4.23 18.69 9.07
CA GLN A 272 -2.86 18.22 9.24
C GLN A 272 -1.99 18.49 8.02
N MET A 273 -2.61 18.55 6.85
CA MET A 273 -1.87 18.82 5.62
C MET A 273 -1.23 20.19 5.78
N VAL A 274 -2.04 21.16 6.15
CA VAL A 274 -1.60 22.53 6.35
C VAL A 274 -0.63 22.65 7.52
N ALA A 275 -1.04 22.14 8.68
CA ALA A 275 -0.23 22.20 9.89
C ALA A 275 1.19 21.62 9.73
N VAL A 276 1.38 20.73 8.76
CA VAL A 276 2.68 20.12 8.57
C VAL A 276 3.56 20.80 7.53
N PHE A 277 2.94 21.35 6.49
CA PHE A 277 3.72 21.97 5.42
C PHE A 277 3.81 23.49 5.40
N SER A 278 3.06 24.17 6.27
CA SER A 278 3.12 25.63 6.31
C SER A 278 4.55 26.13 6.51
N ASP A 279 5.19 25.63 7.56
CA ASP A 279 6.56 26.03 7.89
C ASP A 279 7.62 25.10 7.31
N LYS A 280 7.50 24.76 6.03
CA LYS A 280 8.48 23.89 5.39
C LYS A 280 8.99 24.55 4.13
N ASP A 281 9.96 23.93 3.46
CA ASP A 281 10.51 24.50 2.23
C ASP A 281 9.38 25.18 1.46
N PRO A 282 9.57 26.44 1.07
CA PRO A 282 8.58 27.24 0.34
C PRO A 282 8.05 26.63 -0.96
N GLN A 283 8.95 26.13 -1.80
CA GLN A 283 8.56 25.54 -3.07
C GLN A 283 7.67 24.31 -2.87
N VAL A 284 8.03 23.48 -1.89
CA VAL A 284 7.27 22.28 -1.56
C VAL A 284 5.86 22.66 -1.14
N MET A 285 5.73 23.59 -0.19
CA MET A 285 4.41 24.01 0.27
C MET A 285 3.62 24.59 -0.89
N ASP A 286 4.33 25.21 -1.83
CA ASP A 286 3.70 25.82 -2.99
C ASP A 286 3.09 24.72 -3.89
N THR A 287 3.87 23.69 -4.20
CA THR A 287 3.39 22.59 -5.02
C THR A 287 2.18 21.92 -4.35
N ILE A 288 2.29 21.69 -3.05
CA ILE A 288 1.21 21.07 -2.31
C ILE A 288 -0.01 21.96 -2.26
N GLU A 289 0.20 23.26 -2.03
CA GLU A 289 -0.90 24.21 -1.95
C GLU A 289 -1.65 24.27 -3.30
N CYS A 290 -0.92 24.44 -4.38
CA CYS A 290 -1.54 24.52 -5.69
C CYS A 290 -2.24 23.21 -6.09
N PHE A 291 -1.69 22.08 -5.66
CA PHE A 291 -2.32 20.81 -5.98
C PHE A 291 -3.71 20.76 -5.38
N MET A 292 -3.78 20.98 -4.07
CA MET A 292 -5.06 20.94 -3.37
C MET A 292 -6.10 21.86 -3.99
N HIS A 293 -5.69 23.08 -4.31
CA HIS A 293 -6.60 24.07 -4.89
C HIS A 293 -7.01 23.73 -6.32
N GLY A 294 -6.04 23.34 -7.13
CA GLY A 294 -6.35 22.98 -8.50
C GLY A 294 -7.29 21.77 -8.52
N TYR A 295 -6.93 20.78 -7.71
CA TYR A 295 -7.69 19.55 -7.61
C TYR A 295 -9.14 19.86 -7.30
N VAL A 296 -9.36 20.78 -6.35
CA VAL A 296 -10.72 21.17 -5.98
C VAL A 296 -11.40 21.91 -7.13
N THR A 297 -10.70 22.87 -7.72
CA THR A 297 -11.21 23.66 -8.84
C THR A 297 -11.70 22.72 -9.93
N TRP A 298 -10.85 21.75 -10.27
CA TRP A 298 -11.16 20.77 -11.31
C TRP A 298 -12.46 20.04 -11.03
N HIS A 299 -12.68 19.65 -9.77
CA HIS A 299 -13.90 18.95 -9.41
C HIS A 299 -15.12 19.86 -9.59
N LEU A 300 -14.97 21.13 -9.20
CA LEU A 300 -16.08 22.07 -9.30
C LEU A 300 -16.39 22.47 -10.74
N CYS A 301 -15.39 22.42 -11.61
CA CYS A 301 -15.56 22.81 -13.02
C CYS A 301 -15.86 21.69 -14.02
N ASP A 302 -15.46 20.46 -13.73
CA ASP A 302 -15.70 19.38 -14.66
C ASP A 302 -17.16 18.90 -14.60
N ARG A 303 -17.84 18.87 -15.74
CA ARG A 303 -19.25 18.51 -15.83
C ARG A 303 -19.51 17.12 -15.29
N LYS A 304 -18.50 16.27 -15.22
CA LYS A 304 -18.64 14.91 -14.72
C LYS A 304 -19.27 14.91 -13.32
N TYR A 305 -18.69 15.67 -12.41
CA TYR A 305 -19.19 15.72 -11.03
C TYR A 305 -20.50 16.46 -10.84
N ARG A 306 -20.95 17.14 -11.89
CA ARG A 306 -22.24 17.83 -11.87
C ARG A 306 -22.46 18.73 -10.66
N LEU A 307 -21.40 19.32 -10.12
CA LEU A 307 -21.55 20.17 -8.96
C LEU A 307 -22.31 21.46 -9.27
N SER A 308 -22.40 21.81 -10.54
CA SER A 308 -23.10 23.01 -10.94
C SER A 308 -24.58 22.89 -10.59
N GLU A 309 -25.07 21.66 -10.49
CA GLU A 309 -26.46 21.41 -10.16
C GLU A 309 -26.72 21.87 -8.73
N ILE A 310 -25.72 21.68 -7.86
CA ILE A 310 -25.84 22.10 -6.46
C ILE A 310 -25.76 23.62 -6.36
N TYR A 311 -24.89 24.21 -7.16
CA TYR A 311 -24.72 25.65 -7.19
C TYR A 311 -26.04 26.30 -7.63
N GLU A 312 -26.60 25.79 -8.71
CA GLU A 312 -27.84 26.30 -9.28
C GLU A 312 -29.06 26.09 -8.38
N LYS A 313 -28.91 25.25 -7.36
CA LYS A 313 -30.00 24.96 -6.44
C LYS A 313 -30.01 25.90 -5.23
N VAL A 314 -28.84 26.15 -4.66
CA VAL A 314 -28.72 27.02 -3.50
C VAL A 314 -28.20 28.40 -3.90
N LYS A 315 -28.30 28.69 -5.20
CA LYS A 315 -27.84 29.95 -5.77
C LYS A 315 -28.41 31.19 -5.05
N GLU A 316 -29.64 31.09 -4.55
CA GLU A 316 -30.26 32.22 -3.88
C GLU A 316 -30.65 32.06 -2.41
N GLU A 317 -30.03 31.14 -1.70
CA GLU A 317 -30.36 30.98 -0.28
C GLU A 317 -29.56 31.99 0.52
N LYS A 318 -30.08 32.40 1.68
CA LYS A 318 -29.42 33.39 2.51
C LYS A 318 -28.57 32.72 3.59
N THR A 319 -28.42 31.41 3.54
CA THR A 319 -27.63 30.68 4.52
C THR A 319 -26.16 31.08 4.38
N GLU A 320 -25.41 31.01 5.47
CA GLU A 320 -24.00 31.38 5.42
C GLU A 320 -23.24 30.35 4.58
N ASP A 321 -23.58 29.08 4.76
CA ASP A 321 -22.92 28.01 4.02
C ASP A 321 -23.17 28.16 2.52
N ALA A 322 -24.44 28.08 2.13
CA ALA A 322 -24.84 28.20 0.73
C ALA A 322 -24.15 29.38 0.06
N GLN A 323 -24.09 30.51 0.77
CA GLN A 323 -23.45 31.70 0.22
C GLN A 323 -21.94 31.54 0.13
N LYS A 324 -21.36 30.96 1.17
CA LYS A 324 -19.93 30.72 1.16
C LYS A 324 -19.52 29.79 0.02
N PHE A 325 -20.41 28.82 -0.24
CA PHE A 325 -20.19 27.85 -1.32
C PHE A 325 -20.26 28.52 -2.69
N CYS A 326 -21.39 29.16 -2.97
CA CYS A 326 -21.57 29.82 -4.25
C CYS A 326 -20.42 30.76 -4.57
N LYS A 327 -19.91 31.45 -3.56
CA LYS A 327 -18.81 32.37 -3.76
C LYS A 327 -17.57 31.59 -4.18
N PHE A 328 -17.32 30.48 -3.49
CA PHE A 328 -16.18 29.63 -3.84
C PHE A 328 -16.35 29.13 -5.27
N TYR A 329 -17.52 28.55 -5.55
CA TYR A 329 -17.82 28.02 -6.87
C TYR A 329 -17.59 29.06 -7.96
N GLU A 330 -18.05 30.29 -7.71
CA GLU A 330 -17.87 31.37 -8.68
C GLU A 330 -16.39 31.66 -8.87
N GLN A 331 -15.60 31.48 -7.82
CA GLN A 331 -14.16 31.71 -7.90
C GLN A 331 -13.59 30.68 -8.86
N ALA A 332 -13.98 29.42 -8.62
CA ALA A 332 -13.53 28.29 -9.42
C ALA A 332 -13.89 28.49 -10.88
N ALA A 333 -15.18 28.68 -11.13
CA ALA A 333 -15.70 28.90 -12.48
C ALA A 333 -14.94 30.04 -13.13
N ASN A 334 -14.62 31.05 -12.33
CA ASN A 334 -13.90 32.22 -12.80
C ASN A 334 -12.60 31.87 -13.52
N VAL A 335 -11.78 31.02 -12.91
CA VAL A 335 -10.49 30.64 -13.51
C VAL A 335 -10.50 29.25 -14.15
N GLY A 336 -11.49 28.43 -13.79
CA GLY A 336 -11.56 27.08 -14.32
C GLY A 336 -12.51 26.80 -15.47
N ALA A 337 -13.71 27.39 -15.43
CA ALA A 337 -14.69 27.17 -16.50
C ALA A 337 -14.13 27.57 -17.86
N VAL A 338 -13.78 26.57 -18.66
CA VAL A 338 -13.22 26.80 -19.99
C VAL A 338 -13.90 25.90 -21.01
N SER A 339 -14.29 26.49 -22.13
CA SER A 339 -14.95 25.73 -23.18
C SER A 339 -13.94 24.75 -23.79
N PRO A 340 -14.33 23.47 -23.91
CA PRO A 340 -13.45 22.45 -24.49
C PRO A 340 -12.97 22.81 -25.88
N SER A 341 -13.75 23.65 -26.58
CA SER A 341 -13.38 24.04 -27.94
C SER A 341 -12.14 24.93 -27.97
N GLU A 342 -11.77 25.50 -26.83
CA GLU A 342 -10.59 26.36 -26.76
C GLU A 342 -9.28 25.61 -26.68
N TRP A 343 -9.33 24.31 -26.43
CA TRP A 343 -8.10 23.53 -26.31
C TRP A 343 -8.14 22.09 -26.81
N ALA A 344 -9.24 21.40 -26.53
CA ALA A 344 -9.39 19.99 -26.91
C ALA A 344 -9.84 19.78 -28.36
N TYR A 345 -8.88 19.84 -29.28
CA TYR A 345 -9.18 19.67 -30.70
C TYR A 345 -7.87 19.38 -31.42
N PRO A 346 -7.91 18.61 -32.52
CA PRO A 346 -9.11 18.00 -33.10
C PRO A 346 -9.39 16.73 -32.30
N PRO A 347 -10.55 16.07 -32.52
CA PRO A 347 -10.73 14.87 -31.70
C PRO A 347 -9.72 13.77 -32.02
N VAL A 348 -9.44 12.92 -31.04
CA VAL A 348 -8.51 11.83 -31.24
C VAL A 348 -8.89 11.00 -32.46
N ALA A 349 -10.19 10.72 -32.61
CA ALA A 349 -10.69 9.92 -33.72
C ALA A 349 -10.27 10.45 -35.07
N GLN A 350 -10.34 11.77 -35.25
CA GLN A 350 -9.94 12.40 -36.50
C GLN A 350 -8.45 12.21 -36.74
N LEU A 351 -7.65 12.38 -35.70
CA LEU A 351 -6.20 12.21 -35.83
C LEU A 351 -5.91 10.75 -36.15
N ALA A 352 -6.79 9.87 -35.69
CA ALA A 352 -6.64 8.43 -35.91
C ALA A 352 -6.88 8.01 -37.34
N ASN A 353 -7.82 8.69 -37.99
CA ASN A 353 -8.15 8.37 -39.38
C ASN A 353 -7.01 8.79 -40.30
N VAL A 354 -6.42 9.96 -40.01
CA VAL A 354 -5.29 10.48 -40.79
C VAL A 354 -4.16 9.45 -40.82
N GLU B 2 14.58 6.24 28.63
CA GLU B 2 13.59 6.06 29.68
C GLU B 2 13.66 4.67 30.29
N ASN B 3 12.53 4.16 30.76
CA ASN B 3 12.46 2.84 31.33
C ASN B 3 11.48 1.98 30.57
N PHE B 4 11.69 0.67 30.53
CA PHE B 4 10.79 -0.23 29.81
C PHE B 4 9.56 -0.54 30.63
N PRO B 5 8.36 -0.21 30.11
CA PRO B 5 7.09 -0.44 30.78
C PRO B 5 6.78 -1.92 30.98
N THR B 6 7.72 -2.65 31.56
CA THR B 6 7.56 -4.07 31.81
C THR B 6 6.19 -4.38 32.41
N GLU B 7 5.69 -3.47 33.24
CA GLU B 7 4.39 -3.65 33.87
C GLU B 7 3.26 -3.64 32.83
N TYR B 8 3.35 -2.67 31.91
CA TYR B 8 2.36 -2.53 30.85
C TYR B 8 2.57 -3.59 29.78
N PHE B 9 3.84 -3.77 29.38
CA PHE B 9 4.19 -4.76 28.36
C PHE B 9 3.41 -6.04 28.65
N LEU B 10 3.50 -6.48 29.89
CA LEU B 10 2.74 -7.67 30.31
C LEU B 10 1.24 -7.50 30.05
N ASN B 11 0.73 -6.39 30.58
CA ASN B 11 -0.69 -6.06 30.46
C ASN B 11 -1.24 -6.21 29.03
N THR B 12 -0.74 -5.42 28.11
CA THR B 12 -1.19 -5.47 26.71
C THR B 12 -1.12 -6.87 26.14
N THR B 13 0.01 -7.54 26.37
CA THR B 13 0.23 -8.90 25.89
C THR B 13 -0.83 -9.84 26.45
N VAL B 14 -1.07 -9.76 27.75
CA VAL B 14 -2.04 -10.61 28.41
C VAL B 14 -3.41 -10.53 27.73
N ARG B 15 -3.85 -9.31 27.44
CA ARG B 15 -5.14 -9.12 26.78
C ARG B 15 -5.20 -9.78 25.42
N LEU B 16 -4.19 -9.54 24.57
CA LEU B 16 -4.17 -10.14 23.24
C LEU B 16 -4.16 -11.65 23.31
N LEU B 17 -3.14 -12.19 23.98
CA LEU B 17 -3.00 -13.64 24.12
C LEU B 17 -4.26 -14.25 24.70
N GLU B 18 -4.82 -13.60 25.72
CA GLU B 18 -6.03 -14.10 26.36
C GLU B 18 -7.24 -13.93 25.46
N TYR B 19 -7.26 -12.87 24.65
CA TYR B 19 -8.39 -12.61 23.75
C TYR B 19 -8.47 -13.55 22.56
N ILE B 20 -7.35 -13.72 21.89
CA ILE B 20 -7.30 -14.61 20.73
C ILE B 20 -7.37 -16.05 21.19
N ARG B 21 -7.45 -16.21 22.52
CA ARG B 21 -7.44 -17.56 23.08
C ARG B 21 -6.31 -18.40 22.51
N TYR B 22 -5.09 -17.87 22.71
CA TYR B 22 -3.89 -18.52 22.20
C TYR B 22 -3.72 -19.98 22.59
N ARG B 23 -3.75 -20.87 21.61
CA ARG B 23 -3.58 -22.30 21.81
C ARG B 23 -3.03 -22.98 20.57
N ASP B 24 -1.71 -23.09 20.46
CA ASP B 24 -1.07 -23.70 19.30
C ASP B 24 -0.91 -25.22 19.36
N SER B 25 -1.64 -25.92 18.50
CA SER B 25 -1.56 -27.38 18.40
C SER B 25 -1.45 -27.75 16.93
N ASN B 26 -0.64 -26.96 16.21
CA ASN B 26 -0.42 -27.15 14.77
C ASN B 26 0.35 -28.40 14.38
N TYR B 27 1.27 -28.82 15.24
CA TYR B 27 2.09 -29.99 14.94
C TYR B 27 2.35 -30.90 16.13
N THR B 28 2.81 -32.10 15.82
CA THR B 28 3.22 -33.06 16.83
C THR B 28 4.71 -32.74 16.79
N ARG B 29 5.41 -32.88 17.91
CA ARG B 29 6.84 -32.57 17.91
C ARG B 29 7.59 -33.18 16.72
N GLU B 30 7.22 -34.39 16.35
CA GLU B 30 7.86 -35.08 15.23
C GLU B 30 7.68 -34.30 13.93
N GLU B 31 6.46 -33.82 13.70
CA GLU B 31 6.14 -33.07 12.50
C GLU B 31 6.93 -31.77 12.43
N ARG B 32 6.93 -31.00 13.52
CA ARG B 32 7.67 -29.74 13.56
C ARG B 32 9.10 -29.96 13.13
N ILE B 33 9.80 -30.83 13.84
CA ILE B 33 11.18 -31.15 13.54
C ILE B 33 11.32 -31.57 12.09
N GLU B 34 10.39 -32.39 11.62
CA GLU B 34 10.40 -32.88 10.26
C GLU B 34 10.38 -31.73 9.24
N ASN B 35 9.48 -30.77 9.46
CA ASN B 35 9.35 -29.62 8.56
C ASN B 35 10.48 -28.60 8.72
N LEU B 36 10.86 -28.33 9.96
CA LEU B 36 11.94 -27.40 10.26
C LEU B 36 13.20 -27.83 9.52
N HIS B 37 13.55 -29.11 9.62
CA HIS B 37 14.74 -29.60 8.95
C HIS B 37 14.63 -29.55 7.43
N TYR B 38 13.53 -30.07 6.89
CA TYR B 38 13.36 -30.08 5.44
C TYR B 38 13.54 -28.67 4.88
N ALA B 39 12.77 -27.74 5.44
CA ALA B 39 12.82 -26.34 5.03
C ALA B 39 14.24 -25.79 5.17
N TYR B 40 14.84 -25.97 6.33
CA TYR B 40 16.20 -25.49 6.57
C TYR B 40 17.21 -26.09 5.59
N ASN B 41 17.13 -27.40 5.36
CA ASN B 41 18.09 -28.06 4.47
C ASN B 41 18.09 -27.49 3.06
N LYS B 42 16.92 -27.24 2.49
CA LYS B 42 16.90 -26.71 1.13
C LYS B 42 17.44 -25.27 1.10
N ALA B 43 16.97 -24.44 2.04
CA ALA B 43 17.42 -23.06 2.09
C ALA B 43 18.93 -22.99 2.30
N ALA B 44 19.40 -23.70 3.33
CA ALA B 44 20.82 -23.74 3.64
C ALA B 44 21.67 -24.05 2.42
N HIS B 45 21.23 -25.02 1.61
CA HIS B 45 21.98 -25.39 0.41
C HIS B 45 21.94 -24.25 -0.62
N HIS B 46 20.80 -23.57 -0.70
CA HIS B 46 20.63 -22.48 -1.65
C HIS B 46 21.56 -21.31 -1.37
N PHE B 47 21.59 -20.87 -0.11
CA PHE B 47 22.44 -19.78 0.31
C PHE B 47 23.92 -20.09 0.35
N ALA B 48 24.28 -21.36 0.24
CA ALA B 48 25.69 -21.74 0.29
C ALA B 48 26.30 -21.83 -1.10
N GLN B 49 25.48 -21.63 -2.13
CA GLN B 49 25.99 -21.65 -3.50
C GLN B 49 26.93 -20.46 -3.67
N PRO B 50 27.99 -20.62 -4.47
CA PRO B 50 28.93 -19.51 -4.67
C PRO B 50 28.29 -18.18 -5.15
N ARG B 51 27.38 -18.25 -6.11
CA ARG B 51 26.73 -17.03 -6.60
C ARG B 51 26.03 -16.30 -5.46
N GLN B 52 25.27 -17.04 -4.66
CA GLN B 52 24.54 -16.44 -3.54
C GLN B 52 25.51 -15.89 -2.51
N GLN B 53 26.56 -16.64 -2.21
CA GLN B 53 27.56 -16.20 -1.24
C GLN B 53 28.25 -14.92 -1.71
N GLN B 54 28.54 -14.86 -3.00
CA GLN B 54 29.21 -13.70 -3.58
C GLN B 54 28.40 -12.41 -3.59
N LEU B 55 27.18 -12.45 -4.13
CA LEU B 55 26.34 -11.25 -4.21
C LEU B 55 25.65 -10.83 -2.93
N LEU B 56 25.45 -11.78 -2.02
CA LEU B 56 24.77 -11.45 -0.78
C LEU B 56 25.80 -11.11 0.29
N LYS B 57 26.10 -9.82 0.42
CA LYS B 57 27.08 -9.40 1.41
C LYS B 57 26.45 -9.46 2.80
N VAL B 58 26.74 -10.53 3.53
CA VAL B 58 26.21 -10.68 4.88
C VAL B 58 27.16 -11.51 5.72
N ASP B 59 27.34 -11.09 6.97
CA ASP B 59 28.22 -11.82 7.88
C ASP B 59 27.66 -13.22 8.07
N PRO B 60 28.48 -14.25 7.82
CA PRO B 60 28.06 -15.65 7.95
C PRO B 60 27.22 -15.92 9.18
N LYS B 61 27.69 -15.47 10.35
CA LYS B 61 26.97 -15.70 11.60
C LYS B 61 25.59 -15.08 11.62
N ARG B 62 25.41 -13.95 10.95
CA ARG B 62 24.09 -13.33 10.95
C ARG B 62 23.18 -14.03 9.93
N LEU B 63 23.76 -14.44 8.81
CA LEU B 63 22.99 -15.13 7.78
C LEU B 63 22.42 -16.37 8.44
N GLN B 64 23.29 -17.13 9.11
CA GLN B 64 22.92 -18.34 9.79
C GLN B 64 21.75 -18.09 10.76
N ALA B 65 21.86 -17.06 11.60
CA ALA B 65 20.80 -16.76 12.56
C ALA B 65 19.51 -16.31 11.88
N SER B 66 19.63 -15.57 10.78
CA SER B 66 18.45 -15.12 10.05
C SER B 66 17.70 -16.31 9.44
N LEU B 67 18.43 -17.23 8.82
CA LEU B 67 17.82 -18.39 8.22
C LEU B 67 17.04 -19.21 9.26
N GLN B 68 17.67 -19.52 10.40
CA GLN B 68 16.98 -20.29 11.43
C GLN B 68 15.75 -19.55 11.93
N THR B 69 15.79 -18.22 11.97
CA THR B 69 14.65 -17.45 12.43
C THR B 69 13.48 -17.55 11.44
N ILE B 70 13.80 -17.49 10.16
CA ILE B 70 12.79 -17.56 9.11
C ILE B 70 12.22 -18.95 8.94
N VAL B 71 13.09 -19.96 8.82
CA VAL B 71 12.61 -21.33 8.68
C VAL B 71 11.60 -21.57 9.80
N GLY B 72 11.91 -21.10 11.00
CA GLY B 72 10.99 -21.27 12.11
C GLY B 72 9.69 -20.56 11.86
N MET B 73 9.78 -19.26 11.59
CA MET B 73 8.61 -18.43 11.32
C MET B 73 7.67 -19.08 10.29
N VAL B 74 8.23 -19.51 9.17
CA VAL B 74 7.46 -20.10 8.08
C VAL B 74 6.82 -21.43 8.46
N VAL B 75 7.61 -22.33 9.03
CA VAL B 75 7.11 -23.63 9.42
C VAL B 75 6.02 -23.51 10.50
N TYR B 76 6.27 -22.69 11.50
CA TYR B 76 5.31 -22.51 12.59
C TYR B 76 3.99 -21.85 12.22
N SER B 77 3.99 -21.02 11.18
CA SER B 77 2.78 -20.30 10.78
C SER B 77 2.08 -20.75 9.48
N TRP B 78 2.84 -21.34 8.56
CA TRP B 78 2.28 -21.83 7.31
C TRP B 78 2.12 -23.35 7.44
N ALA B 79 1.52 -23.77 8.55
CA ALA B 79 1.33 -25.19 8.89
C ALA B 79 0.61 -26.10 7.90
N LYS B 80 -0.24 -25.52 7.05
CA LYS B 80 -1.00 -26.35 6.11
C LYS B 80 -0.40 -26.52 4.73
N VAL B 81 0.66 -25.80 4.41
CA VAL B 81 1.25 -25.91 3.08
C VAL B 81 2.27 -27.03 3.02
N SER B 82 2.69 -27.39 1.81
CA SER B 82 3.64 -28.47 1.61
C SER B 82 5.09 -28.16 2.03
N LYS B 83 5.89 -29.21 2.15
CA LYS B 83 7.28 -29.05 2.54
C LYS B 83 8.04 -28.17 1.56
N GLU B 84 7.81 -28.39 0.27
CA GLU B 84 8.48 -27.59 -0.75
C GLU B 84 8.12 -26.10 -0.61
N CYS B 85 6.84 -25.82 -0.37
CA CYS B 85 6.37 -24.45 -0.24
C CYS B 85 7.05 -23.76 0.95
N MET B 86 7.13 -24.45 2.09
CA MET B 86 7.76 -23.89 3.28
C MET B 86 9.23 -23.54 3.01
N ALA B 87 9.91 -24.42 2.28
CA ALA B 87 11.31 -24.22 1.95
C ALA B 87 11.52 -23.01 1.04
N ASP B 88 10.78 -22.95 -0.07
CA ASP B 88 10.90 -21.84 -0.99
C ASP B 88 10.47 -20.55 -0.29
N LEU B 89 9.41 -20.62 0.51
CA LEU B 89 8.99 -19.43 1.22
C LEU B 89 10.08 -19.01 2.22
N SER B 90 10.74 -19.99 2.82
CA SER B 90 11.79 -19.69 3.80
C SER B 90 12.91 -18.90 3.14
N ILE B 91 13.22 -19.25 1.90
CA ILE B 91 14.28 -18.55 1.19
C ILE B 91 13.85 -17.10 0.94
N HIS B 92 12.67 -16.91 0.36
CA HIS B 92 12.20 -15.56 0.08
C HIS B 92 12.20 -14.66 1.31
N TYR B 93 11.63 -15.14 2.40
CA TYR B 93 11.56 -14.34 3.62
C TYR B 93 12.90 -14.16 4.32
N THR B 94 13.87 -14.99 3.94
CA THR B 94 15.19 -14.83 4.51
C THR B 94 15.85 -13.68 3.75
N TYR B 95 15.56 -13.58 2.45
CA TYR B 95 16.09 -12.49 1.63
C TYR B 95 15.57 -11.17 2.18
N THR B 96 14.29 -11.15 2.53
CA THR B 96 13.71 -9.93 3.06
C THR B 96 14.31 -9.54 4.41
N LEU B 97 14.63 -10.52 5.24
CA LEU B 97 15.21 -10.24 6.55
C LEU B 97 16.60 -9.66 6.37
N VAL B 98 17.34 -10.20 5.42
CA VAL B 98 18.69 -9.73 5.17
C VAL B 98 18.63 -8.24 4.80
N LEU B 99 17.70 -7.87 3.93
CA LEU B 99 17.55 -6.49 3.51
C LEU B 99 17.00 -5.61 4.64
N ASP B 100 16.17 -6.20 5.50
CA ASP B 100 15.54 -5.48 6.61
C ASP B 100 16.59 -4.82 7.51
N ASP B 101 17.83 -5.25 7.34
CA ASP B 101 18.93 -4.71 8.13
C ASP B 101 19.81 -3.77 7.31
N SER B 102 20.40 -4.30 6.24
CA SER B 102 21.28 -3.55 5.35
C SER B 102 21.26 -2.02 5.50
N LYS B 103 22.44 -1.40 5.42
CA LYS B 103 22.56 0.05 5.56
C LYS B 103 23.11 0.67 4.28
N ASP B 104 23.23 -0.10 3.21
CA ASP B 104 23.73 0.42 1.93
C ASP B 104 22.65 1.18 1.16
N ASP B 105 22.99 2.38 0.71
CA ASP B 105 22.09 3.25 -0.03
C ASP B 105 21.67 2.64 -1.38
N PRO B 106 20.34 2.49 -1.60
CA PRO B 106 19.80 1.91 -2.83
C PRO B 106 19.85 2.90 -4.01
N TYR B 107 19.65 4.18 -3.71
CA TYR B 107 19.63 5.22 -4.73
C TYR B 107 20.46 4.96 -5.98
N PRO B 108 21.79 4.84 -5.84
CA PRO B 108 22.62 4.61 -7.03
C PRO B 108 22.29 3.36 -7.86
N THR B 109 21.91 2.25 -7.21
CA THR B 109 21.59 1.03 -7.97
C THR B 109 20.16 0.95 -8.47
N MET B 110 19.38 2.00 -8.23
CA MET B 110 17.98 2.04 -8.65
C MET B 110 17.70 3.03 -9.79
N VAL B 111 18.73 3.81 -10.16
CA VAL B 111 18.61 4.81 -11.21
C VAL B 111 18.06 4.24 -12.52
N ASN B 112 18.46 3.01 -12.86
CA ASN B 112 17.99 2.36 -14.09
C ASN B 112 17.08 1.16 -13.78
N TYR B 113 16.37 1.24 -12.68
CA TYR B 113 15.50 0.14 -12.29
C TYR B 113 14.49 -0.24 -13.36
N PHE B 114 13.62 0.70 -13.74
CA PHE B 114 12.61 0.38 -14.74
C PHE B 114 13.16 -0.01 -16.11
N ASP B 115 14.12 0.75 -16.64
CA ASP B 115 14.62 0.39 -17.96
C ASP B 115 15.23 -0.99 -17.98
N ASP B 116 15.97 -1.37 -16.93
CA ASP B 116 16.57 -2.70 -16.91
C ASP B 116 15.48 -3.77 -16.76
N LEU B 117 14.45 -3.45 -15.98
CA LEU B 117 13.35 -4.37 -15.78
C LEU B 117 12.63 -4.62 -17.08
N GLN B 118 12.27 -3.55 -17.78
CA GLN B 118 11.57 -3.67 -19.06
C GLN B 118 12.41 -4.33 -20.14
N ALA B 119 13.72 -4.09 -20.12
CA ALA B 119 14.63 -4.65 -21.13
C ALA B 119 15.06 -6.09 -20.86
N GLY B 120 14.89 -6.54 -19.63
CA GLY B 120 15.28 -7.90 -19.30
C GLY B 120 16.72 -8.04 -18.85
N ARG B 121 17.36 -6.92 -18.51
CA ARG B 121 18.74 -6.95 -18.05
C ARG B 121 18.77 -7.12 -16.54
N GLU B 122 19.77 -7.82 -16.03
CA GLU B 122 19.88 -8.04 -14.59
C GLU B 122 19.93 -6.70 -13.86
N GLN B 123 19.20 -6.62 -12.75
CA GLN B 123 19.17 -5.41 -11.95
C GLN B 123 20.54 -5.08 -11.37
N ALA B 124 20.82 -3.79 -11.21
CA ALA B 124 22.10 -3.35 -10.68
C ALA B 124 22.22 -3.69 -9.20
N HIS B 125 21.11 -3.59 -8.47
CA HIS B 125 21.14 -3.90 -7.06
C HIS B 125 21.21 -5.42 -6.88
N PRO B 126 22.27 -5.92 -6.23
CA PRO B 126 22.46 -7.35 -6.01
C PRO B 126 21.28 -8.07 -5.33
N TRP B 127 20.64 -7.41 -4.37
CA TRP B 127 19.51 -8.02 -3.70
C TRP B 127 18.41 -8.35 -4.73
N TRP B 128 18.13 -7.40 -5.63
CA TRP B 128 17.12 -7.63 -6.67
C TRP B 128 17.60 -8.69 -7.63
N ALA B 129 18.90 -8.70 -7.89
CA ALA B 129 19.44 -9.68 -8.81
C ALA B 129 19.19 -11.07 -8.28
N LEU B 130 19.28 -11.24 -6.96
CA LEU B 130 19.06 -12.53 -6.33
C LEU B 130 17.58 -12.87 -6.11
N VAL B 131 16.82 -11.93 -5.59
CA VAL B 131 15.41 -12.20 -5.35
C VAL B 131 14.62 -12.45 -6.62
N ASN B 132 14.90 -11.69 -7.69
CA ASN B 132 14.17 -11.85 -8.94
C ASN B 132 14.54 -13.13 -9.67
N GLU B 133 15.77 -13.60 -9.47
CA GLU B 133 16.21 -14.83 -10.10
C GLU B 133 15.55 -16.03 -9.40
N HIS B 134 15.46 -15.96 -8.07
CA HIS B 134 14.86 -17.03 -7.30
C HIS B 134 13.33 -17.04 -7.27
N PHE B 135 12.72 -15.85 -7.36
CA PHE B 135 11.27 -15.68 -7.31
C PHE B 135 10.37 -16.78 -7.94
N PRO B 136 10.67 -17.21 -9.18
CA PRO B 136 9.84 -18.24 -9.81
C PRO B 136 9.67 -19.49 -8.93
N ASN B 137 10.67 -19.81 -8.12
CA ASN B 137 10.59 -20.97 -7.25
C ASN B 137 9.52 -20.78 -6.20
N VAL B 138 9.19 -19.52 -5.92
CA VAL B 138 8.15 -19.22 -4.94
C VAL B 138 6.80 -19.14 -5.67
N LEU B 139 6.82 -18.48 -6.83
CA LEU B 139 5.62 -18.28 -7.62
C LEU B 139 5.02 -19.53 -8.28
N ARG B 140 5.83 -20.57 -8.42
CA ARG B 140 5.34 -21.81 -9.03
C ARG B 140 4.26 -22.41 -8.15
N HIS B 141 4.25 -22.00 -6.88
CA HIS B 141 3.29 -22.46 -5.89
C HIS B 141 1.95 -21.75 -5.91
N PHE B 142 1.83 -20.65 -6.65
CA PHE B 142 0.58 -19.89 -6.63
C PHE B 142 -0.03 -19.52 -7.97
N GLY B 143 -1.31 -19.15 -7.92
CA GLY B 143 -2.01 -18.71 -9.11
C GLY B 143 -1.60 -17.27 -9.40
N PRO B 144 -1.98 -16.72 -10.56
CA PRO B 144 -1.65 -15.35 -10.96
C PRO B 144 -1.99 -14.21 -9.97
N PHE B 145 -3.19 -14.23 -9.40
CA PHE B 145 -3.58 -13.21 -8.45
C PHE B 145 -2.71 -13.16 -7.20
N CYS B 146 -2.59 -14.30 -6.52
CA CYS B 146 -1.77 -14.33 -5.32
C CYS B 146 -0.36 -13.92 -5.67
N SER B 147 0.12 -14.38 -6.83
CA SER B 147 1.46 -14.04 -7.28
C SER B 147 1.65 -12.53 -7.39
N LEU B 148 0.69 -11.84 -7.99
CA LEU B 148 0.79 -10.39 -8.14
C LEU B 148 0.95 -9.76 -6.76
N ASN B 149 0.16 -10.21 -5.79
CA ASN B 149 0.26 -9.69 -4.44
C ASN B 149 1.66 -9.89 -3.86
N LEU B 150 2.25 -11.07 -4.06
CA LEU B 150 3.60 -11.32 -3.53
C LEU B 150 4.60 -10.34 -4.13
N ILE B 151 4.57 -10.20 -5.46
CA ILE B 151 5.46 -9.28 -6.17
C ILE B 151 5.29 -7.84 -5.68
N ARG B 152 4.05 -7.35 -5.64
CA ARG B 152 3.77 -6.00 -5.16
C ARG B 152 4.31 -5.76 -3.76
N SER B 153 3.98 -6.68 -2.86
CA SER B 153 4.37 -6.56 -1.47
C SER B 153 5.88 -6.57 -1.26
N THR B 154 6.59 -7.36 -2.07
CA THR B 154 8.05 -7.42 -1.94
C THR B 154 8.64 -6.11 -2.47
N LEU B 155 8.04 -5.58 -3.53
CA LEU B 155 8.49 -4.32 -4.11
C LEU B 155 8.24 -3.19 -3.10
N ASP B 156 7.09 -3.25 -2.42
CA ASP B 156 6.77 -2.24 -1.40
C ASP B 156 7.81 -2.34 -0.28
N PHE B 157 8.11 -3.57 0.14
CA PHE B 157 9.07 -3.82 1.20
C PHE B 157 10.41 -3.17 0.91
N PHE B 158 10.84 -3.25 -0.35
CA PHE B 158 12.12 -2.66 -0.76
C PHE B 158 12.11 -1.15 -0.51
N GLU B 159 11.00 -0.49 -0.87
CA GLU B 159 10.87 0.94 -0.66
C GLU B 159 10.87 1.23 0.84
N GLY B 160 10.31 0.30 1.60
CA GLY B 160 10.23 0.46 3.05
C GLY B 160 11.60 0.51 3.70
N CYS B 161 12.48 -0.40 3.31
CA CYS B 161 13.82 -0.45 3.86
C CYS B 161 14.60 0.80 3.42
N TRP B 162 14.27 1.30 2.23
CA TRP B 162 14.91 2.50 1.69
C TRP B 162 14.53 3.65 2.63
N ILE B 163 13.25 3.81 2.90
CA ILE B 163 12.79 4.87 3.78
C ILE B 163 13.39 4.79 5.19
N GLU B 164 13.38 3.60 5.78
CA GLU B 164 13.91 3.41 7.13
C GLU B 164 15.35 3.89 7.29
N GLN B 165 16.17 3.70 6.26
CA GLN B 165 17.57 4.13 6.35
C GLN B 165 17.72 5.59 6.79
N TYR B 166 16.69 6.39 6.58
CA TYR B 166 16.73 7.80 6.97
C TYR B 166 16.37 7.99 8.45
N ASN B 167 16.02 6.90 9.12
CA ASN B 167 15.67 6.93 10.54
C ASN B 167 14.79 8.13 10.85
N PHE B 168 13.68 8.24 10.13
CA PHE B 168 12.73 9.34 10.27
C PHE B 168 11.43 8.76 10.82
N GLY B 169 10.87 9.44 11.82
CA GLY B 169 9.64 8.95 12.44
C GLY B 169 8.41 9.76 12.10
N GLY B 170 8.58 10.75 11.24
CA GLY B 170 7.47 11.60 10.84
C GLY B 170 7.43 12.95 11.52
N PHE B 171 7.08 13.99 10.76
CA PHE B 171 6.97 15.34 11.29
C PHE B 171 5.85 15.36 12.31
N PRO B 172 6.06 16.00 13.47
CA PRO B 172 4.97 16.03 14.45
C PRO B 172 3.74 16.59 13.75
N GLY B 173 2.62 15.86 13.81
CA GLY B 173 1.42 16.33 13.15
C GLY B 173 1.09 15.56 11.87
N SER B 174 2.03 14.76 11.40
CA SER B 174 1.86 13.95 10.19
C SER B 174 1.21 12.62 10.59
N HIS B 175 -0.03 12.68 11.05
CA HIS B 175 -0.77 11.52 11.51
C HIS B 175 -0.86 10.31 10.59
N ASP B 176 -0.69 10.51 9.28
CA ASP B 176 -0.78 9.40 8.33
C ASP B 176 0.55 8.71 8.05
N TYR B 177 1.66 9.31 8.46
CA TYR B 177 2.97 8.71 8.21
C TYR B 177 3.26 7.35 8.88
N PRO B 178 2.96 7.21 10.18
CA PRO B 178 3.19 5.97 10.92
C PRO B 178 2.72 4.69 10.21
N GLN B 179 1.40 4.59 9.99
CA GLN B 179 0.82 3.43 9.32
C GLN B 179 1.22 3.34 7.86
N PHE B 180 1.51 4.48 7.24
CA PHE B 180 1.93 4.51 5.85
C PHE B 180 3.21 3.68 5.78
N LEU B 181 4.16 3.98 6.66
CA LEU B 181 5.43 3.26 6.68
C LEU B 181 5.30 1.81 7.12
N ARG B 182 4.41 1.54 8.07
CA ARG B 182 4.25 0.16 8.54
C ARG B 182 3.78 -0.77 7.42
N ARG B 183 2.86 -0.30 6.57
CA ARG B 183 2.39 -1.12 5.45
C ARG B 183 3.50 -1.37 4.44
N MET B 184 4.33 -0.35 4.22
CA MET B 184 5.45 -0.46 3.28
C MET B 184 6.37 -1.61 3.62
N ASN B 185 6.80 -1.65 4.88
CA ASN B 185 7.74 -2.66 5.36
C ASN B 185 7.06 -3.89 5.94
N GLY B 186 5.73 -3.90 5.89
CA GLY B 186 4.98 -5.01 6.47
C GLY B 186 4.98 -6.37 5.79
N LEU B 187 5.07 -6.38 4.45
CA LEU B 187 5.01 -7.63 3.68
C LEU B 187 3.65 -8.27 3.91
N GLY B 188 2.69 -7.42 4.25
CA GLY B 188 1.33 -7.87 4.52
C GLY B 188 0.63 -8.66 3.43
N HIS B 189 0.70 -8.18 2.19
CA HIS B 189 0.05 -8.87 1.11
C HIS B 189 0.90 -10.04 0.63
N CYS B 190 2.17 -10.03 0.99
CA CYS B 190 3.04 -11.12 0.59
C CYS B 190 2.66 -12.31 1.46
N VAL B 191 2.67 -12.09 2.78
CA VAL B 191 2.32 -13.12 3.73
C VAL B 191 0.90 -13.61 3.54
N GLY B 192 -0.03 -12.65 3.52
CA GLY B 192 -1.43 -12.97 3.38
C GLY B 192 -1.78 -13.74 2.11
N ALA B 193 -1.04 -13.50 1.04
CA ALA B 193 -1.33 -14.21 -0.20
C ALA B 193 -0.57 -15.53 -0.25
N SER B 194 0.59 -15.60 0.39
CA SER B 194 1.39 -16.82 0.35
C SER B 194 0.73 -17.96 1.13
N LEU B 195 -0.39 -17.64 1.80
CA LEU B 195 -1.15 -18.62 2.58
C LEU B 195 -2.05 -19.49 1.73
N TRP B 196 -2.10 -19.25 0.43
CA TRP B 196 -3.01 -20.00 -0.44
C TRP B 196 -2.44 -20.67 -1.68
N PRO B 197 -1.56 -21.65 -1.52
CA PRO B 197 -1.00 -22.33 -2.70
C PRO B 197 -2.08 -23.00 -3.55
N LYS B 198 -1.95 -22.84 -4.87
CA LYS B 198 -2.90 -23.41 -5.81
C LYS B 198 -3.12 -24.93 -5.65
N GLU B 199 -2.13 -25.62 -5.10
CA GLU B 199 -2.24 -27.06 -4.89
C GLU B 199 -3.38 -27.37 -3.92
N GLN B 200 -3.57 -26.51 -2.92
CA GLN B 200 -4.63 -26.71 -1.94
C GLN B 200 -5.87 -25.84 -2.14
N PHE B 201 -5.70 -24.64 -2.67
CA PHE B 201 -6.84 -23.75 -2.87
C PHE B 201 -7.04 -23.27 -4.30
N ASN B 202 -8.28 -23.05 -4.69
CA ASN B 202 -8.56 -22.55 -6.03
C ASN B 202 -8.78 -21.05 -5.93
N GLU B 203 -7.79 -20.33 -6.43
CA GLU B 203 -7.72 -18.88 -6.44
C GLU B 203 -8.96 -18.21 -7.03
N ARG B 204 -9.61 -18.87 -7.98
CA ARG B 204 -10.80 -18.33 -8.62
C ARG B 204 -12.07 -18.64 -7.85
N SER B 205 -12.11 -19.79 -7.19
CA SER B 205 -13.29 -20.18 -6.44
C SER B 205 -13.36 -19.45 -5.11
N LEU B 206 -12.21 -19.10 -4.57
CA LEU B 206 -12.13 -18.40 -3.29
C LEU B 206 -11.52 -16.99 -3.44
N PHE B 207 -11.66 -16.39 -4.62
CA PHE B 207 -11.12 -15.06 -4.86
C PHE B 207 -11.55 -14.08 -3.77
N LEU B 208 -12.84 -14.09 -3.43
CA LEU B 208 -13.35 -13.18 -2.43
C LEU B 208 -12.79 -13.46 -1.04
N GLU B 209 -12.83 -14.71 -0.60
CA GLU B 209 -12.31 -15.01 0.72
C GLU B 209 -10.82 -14.72 0.83
N ILE B 210 -10.07 -14.96 -0.24
CA ILE B 210 -8.64 -14.70 -0.23
C ILE B 210 -8.31 -13.20 -0.21
N THR B 211 -9.00 -12.44 -1.05
CA THR B 211 -8.81 -10.98 -1.10
C THR B 211 -9.10 -10.41 0.28
N SER B 212 -10.22 -10.83 0.87
CA SER B 212 -10.60 -10.38 2.20
C SER B 212 -9.52 -10.77 3.20
N ALA B 213 -9.08 -12.02 3.16
CA ALA B 213 -8.04 -12.47 4.07
C ALA B 213 -6.74 -11.64 3.93
N ILE B 214 -6.43 -11.25 2.70
CA ILE B 214 -5.22 -10.45 2.45
C ILE B 214 -5.38 -9.08 3.09
N ALA B 215 -6.57 -8.51 2.98
CA ALA B 215 -6.84 -7.19 3.54
C ALA B 215 -6.86 -7.17 5.07
N GLN B 216 -7.51 -8.17 5.66
CA GLN B 216 -7.59 -8.24 7.12
C GLN B 216 -6.31 -8.72 7.77
N MET B 217 -5.73 -9.79 7.26
CA MET B 217 -4.50 -10.33 7.84
C MET B 217 -3.32 -9.37 7.78
N GLU B 218 -3.37 -8.40 6.88
CA GLU B 218 -2.25 -7.46 6.77
C GLU B 218 -1.99 -6.73 8.08
N ASN B 219 -3.05 -6.17 8.66
CA ASN B 219 -2.92 -5.42 9.89
C ASN B 219 -2.72 -6.30 11.12
N TRP B 220 -3.39 -7.44 11.17
CA TRP B 220 -3.25 -8.33 12.32
C TRP B 220 -1.80 -8.80 12.38
N MET B 221 -1.27 -9.23 11.25
CA MET B 221 0.09 -9.73 11.15
C MET B 221 1.14 -8.69 11.55
N VAL B 222 1.02 -7.46 11.07
CA VAL B 222 2.02 -6.44 11.44
C VAL B 222 1.84 -5.90 12.85
N TRP B 223 0.61 -5.68 13.26
CA TRP B 223 0.36 -5.15 14.59
C TRP B 223 0.79 -6.11 15.69
N VAL B 224 0.51 -7.40 15.49
CA VAL B 224 0.91 -8.39 16.47
C VAL B 224 2.42 -8.38 16.62
N ASN B 225 3.15 -8.21 15.53
CA ASN B 225 4.60 -8.18 15.63
C ASN B 225 5.04 -6.88 16.29
N ASP B 226 4.33 -5.80 16.02
CA ASP B 226 4.73 -4.54 16.63
C ASP B 226 4.58 -4.65 18.14
N LEU B 227 3.62 -5.46 18.57
CA LEU B 227 3.36 -5.68 19.98
C LEU B 227 4.36 -6.68 20.57
N MET B 228 4.38 -7.89 20.03
CA MET B 228 5.28 -8.94 20.49
C MET B 228 6.75 -8.51 20.49
N SER B 229 7.17 -7.82 19.45
CA SER B 229 8.56 -7.40 19.34
C SER B 229 8.82 -6.01 19.89
N PHE B 230 8.04 -5.59 20.89
CA PHE B 230 8.23 -4.28 21.48
C PHE B 230 9.47 -4.29 22.39
N TYR B 231 9.74 -5.45 23.00
CA TYR B 231 10.89 -5.58 23.88
C TYR B 231 12.18 -5.45 23.06
N LYS B 232 12.40 -6.38 22.14
CA LYS B 232 13.58 -6.39 21.27
C LYS B 232 13.88 -5.05 20.59
N GLU B 233 12.84 -4.27 20.29
CA GLU B 233 13.02 -2.99 19.60
C GLU B 233 13.13 -1.74 20.47
N PHE B 234 12.58 -1.78 21.68
CA PHE B 234 12.61 -0.62 22.57
C PHE B 234 13.94 0.14 22.65
N ASP B 235 15.06 -0.56 22.94
CA ASP B 235 16.32 0.12 23.11
C ASP B 235 17.32 -0.31 22.06
N ASP B 236 17.06 -0.07 20.77
CA ASP B 236 17.99 -0.41 19.70
C ASP B 236 18.17 0.76 18.73
N GLU B 237 19.38 0.91 18.19
CA GLU B 237 19.70 1.99 17.27
C GLU B 237 18.81 1.94 16.03
N ARG B 238 18.90 0.85 15.27
CA ARG B 238 18.10 0.67 14.07
C ARG B 238 16.61 0.73 14.40
N ASP B 239 16.18 -0.13 15.32
CA ASP B 239 14.78 -0.20 15.72
C ASP B 239 14.24 1.03 16.44
N GLN B 240 14.89 2.18 16.22
CA GLN B 240 14.40 3.41 16.82
C GLN B 240 13.18 3.93 16.07
N ILE B 241 13.05 3.43 14.84
CA ILE B 241 11.93 3.79 13.98
C ILE B 241 10.96 2.62 13.93
N SER B 242 9.98 2.62 14.82
CA SER B 242 8.98 1.56 14.86
C SER B 242 7.60 2.21 14.92
N LEU B 243 6.57 1.43 14.59
CA LEU B 243 5.21 1.96 14.60
C LEU B 243 4.87 2.70 15.89
N VAL B 244 5.08 2.03 17.03
CA VAL B 244 4.80 2.62 18.33
C VAL B 244 5.55 3.93 18.56
N LYS B 245 6.87 3.90 18.37
CA LYS B 245 7.68 5.10 18.57
C LYS B 245 7.37 6.20 17.55
N ASN B 246 6.85 5.81 16.39
CA ASN B 246 6.49 6.77 15.35
C ASN B 246 5.14 7.39 15.68
N TYR B 247 4.29 6.63 16.35
CA TYR B 247 2.98 7.14 16.75
C TYR B 247 3.25 8.31 17.70
N VAL B 248 4.24 8.14 18.57
CA VAL B 248 4.62 9.15 19.54
C VAL B 248 5.10 10.44 18.86
N VAL B 249 6.14 10.31 18.05
CA VAL B 249 6.70 11.44 17.33
C VAL B 249 5.69 12.14 16.43
N SER B 250 4.93 11.36 15.66
CA SER B 250 3.94 11.89 14.70
C SER B 250 2.63 12.39 15.28
N ASP B 251 2.03 11.64 16.19
CA ASP B 251 0.76 12.05 16.79
C ASP B 251 0.95 12.88 18.06
N GLU B 252 2.19 13.00 18.51
CA GLU B 252 2.53 13.76 19.70
C GLU B 252 1.72 13.29 20.90
N ILE B 253 1.96 12.04 21.29
CA ILE B 253 1.28 11.45 22.44
C ILE B 253 2.31 10.64 23.23
N SER B 254 1.94 10.22 24.44
CA SER B 254 2.83 9.45 25.30
C SER B 254 2.99 8.01 24.84
N LEU B 255 4.16 7.43 25.10
CA LEU B 255 4.43 6.05 24.74
C LEU B 255 3.32 5.13 25.24
N HIS B 256 2.67 5.50 26.34
CA HIS B 256 1.60 4.70 26.89
C HIS B 256 0.35 4.83 26.02
N GLU B 257 0.13 6.05 25.51
CA GLU B 257 -1.03 6.31 24.66
C GLU B 257 -0.87 5.57 23.32
N ALA B 258 0.37 5.51 22.83
CA ALA B 258 0.67 4.84 21.58
C ALA B 258 0.51 3.33 21.74
N LEU B 259 1.15 2.81 22.78
CA LEU B 259 1.11 1.38 23.09
C LEU B 259 -0.32 0.90 23.29
N GLU B 260 -1.15 1.77 23.86
CA GLU B 260 -2.56 1.42 24.12
C GLU B 260 -3.36 1.45 22.82
N LYS B 261 -2.93 2.28 21.88
CA LYS B 261 -3.61 2.39 20.60
C LYS B 261 -3.39 1.09 19.83
N LEU B 262 -2.13 0.69 19.72
CA LEU B 262 -1.74 -0.54 19.03
C LEU B 262 -2.55 -1.74 19.51
N THR B 263 -2.65 -1.89 20.83
CA THR B 263 -3.37 -3.01 21.40
C THR B 263 -4.86 -2.98 21.08
N GLN B 264 -5.43 -1.79 21.01
CA GLN B 264 -6.85 -1.67 20.69
C GLN B 264 -7.07 -2.08 19.23
N ASP B 265 -6.21 -1.60 18.35
CA ASP B 265 -6.31 -1.94 16.93
C ASP B 265 -6.12 -3.45 16.80
N THR B 266 -5.12 -3.98 17.52
CA THR B 266 -4.83 -5.41 17.46
C THR B 266 -5.98 -6.26 17.98
N LEU B 267 -6.54 -5.87 19.11
CA LEU B 267 -7.66 -6.62 19.67
C LEU B 267 -8.84 -6.59 18.70
N HIS B 268 -9.10 -5.43 18.13
CA HIS B 268 -10.22 -5.25 17.18
C HIS B 268 -9.99 -6.10 15.92
N SER B 269 -8.76 -6.07 15.40
CA SER B 269 -8.42 -6.84 14.22
C SER B 269 -8.71 -8.31 14.50
N SER B 270 -8.33 -8.76 15.69
CA SER B 270 -8.56 -10.14 16.10
C SER B 270 -10.05 -10.45 16.13
N LYS B 271 -10.83 -9.57 16.77
CA LYS B 271 -12.27 -9.74 16.86
C LYS B 271 -12.91 -9.91 15.49
N GLN B 272 -12.58 -9.01 14.55
CA GLN B 272 -13.16 -9.07 13.20
C GLN B 272 -12.70 -10.26 12.38
N MET B 273 -11.48 -10.72 12.61
CA MET B 273 -10.96 -11.87 11.89
C MET B 273 -11.88 -13.04 12.15
N VAL B 274 -12.31 -13.15 13.40
CA VAL B 274 -13.18 -14.23 13.82
C VAL B 274 -14.60 -14.05 13.28
N ALA B 275 -15.16 -12.87 13.47
CA ALA B 275 -16.52 -12.59 13.00
C ALA B 275 -16.72 -12.87 11.51
N VAL B 276 -15.71 -12.56 10.71
CA VAL B 276 -15.78 -12.75 9.26
C VAL B 276 -15.58 -14.18 8.77
N PHE B 277 -14.47 -14.81 9.17
CA PHE B 277 -14.14 -16.15 8.70
C PHE B 277 -14.67 -17.37 9.46
N SER B 278 -15.45 -17.17 10.52
CA SER B 278 -15.98 -18.32 11.26
C SER B 278 -16.91 -19.17 10.40
N ASP B 279 -17.86 -18.51 9.75
CA ASP B 279 -18.87 -19.17 8.93
C ASP B 279 -18.47 -19.37 7.47
N LYS B 280 -17.20 -19.12 7.14
CA LYS B 280 -16.75 -19.29 5.75
C LYS B 280 -16.12 -20.66 5.53
N ASP B 281 -15.68 -20.91 4.30
CA ASP B 281 -15.03 -22.18 3.95
C ASP B 281 -14.11 -22.62 5.11
N PRO B 282 -14.42 -23.77 5.73
CA PRO B 282 -13.62 -24.27 6.85
C PRO B 282 -12.12 -24.39 6.57
N GLN B 283 -11.77 -24.71 5.33
CA GLN B 283 -10.37 -24.85 4.96
C GLN B 283 -9.65 -23.49 5.08
N VAL B 284 -10.36 -22.43 4.70
CA VAL B 284 -9.84 -21.08 4.79
C VAL B 284 -9.65 -20.74 6.26
N MET B 285 -10.69 -21.01 7.05
CA MET B 285 -10.64 -20.71 8.48
C MET B 285 -9.49 -21.46 9.15
N ASP B 286 -9.29 -22.71 8.75
CA ASP B 286 -8.23 -23.54 9.30
C ASP B 286 -6.85 -22.92 9.04
N THR B 287 -6.61 -22.45 7.81
CA THR B 287 -5.33 -21.84 7.47
C THR B 287 -5.13 -20.54 8.24
N ILE B 288 -6.19 -19.75 8.35
CA ILE B 288 -6.12 -18.50 9.08
C ILE B 288 -5.81 -18.78 10.55
N GLU B 289 -6.56 -19.73 11.12
CA GLU B 289 -6.39 -20.08 12.52
C GLU B 289 -4.97 -20.60 12.79
N CYS B 290 -4.50 -21.56 11.99
CA CYS B 290 -3.16 -22.10 12.16
C CYS B 290 -2.08 -21.01 12.06
N PHE B 291 -2.30 -20.05 11.18
CA PHE B 291 -1.35 -18.96 11.01
C PHE B 291 -1.30 -18.09 12.29
N MET B 292 -2.48 -17.68 12.75
CA MET B 292 -2.57 -16.84 13.94
C MET B 292 -1.86 -17.41 15.16
N HIS B 293 -2.15 -18.67 15.47
CA HIS B 293 -1.56 -19.33 16.62
C HIS B 293 -0.07 -19.62 16.41
N GLY B 294 0.29 -20.24 15.29
CA GLY B 294 1.68 -20.54 15.04
C GLY B 294 2.54 -19.30 15.10
N TYR B 295 2.00 -18.20 14.56
CA TYR B 295 2.69 -16.92 14.52
C TYR B 295 2.97 -16.44 15.95
N VAL B 296 2.05 -16.70 16.87
CA VAL B 296 2.25 -16.30 18.26
C VAL B 296 3.27 -17.24 18.90
N THR B 297 3.16 -18.52 18.59
CA THR B 297 4.10 -19.51 19.13
C THR B 297 5.53 -19.08 18.81
N TRP B 298 5.78 -18.85 17.53
CA TRP B 298 7.10 -18.43 17.05
C TRP B 298 7.63 -17.16 17.72
N HIS B 299 6.75 -16.20 17.98
CA HIS B 299 7.14 -14.95 18.62
C HIS B 299 7.59 -15.14 20.08
N LEU B 300 7.02 -16.15 20.73
CA LEU B 300 7.35 -16.42 22.13
C LEU B 300 8.54 -17.35 22.29
N CYS B 301 8.99 -17.96 21.19
CA CYS B 301 10.11 -18.89 21.25
C CYS B 301 11.40 -18.48 20.58
N ASP B 302 11.33 -17.76 19.46
CA ASP B 302 12.57 -17.39 18.78
C ASP B 302 13.44 -16.41 19.54
N ARG B 303 14.75 -16.63 19.44
CA ARG B 303 15.74 -15.79 20.09
C ARG B 303 15.47 -14.32 19.81
N LYS B 304 15.51 -13.98 18.52
CA LYS B 304 15.32 -12.61 18.04
C LYS B 304 14.48 -11.66 18.90
N TYR B 305 13.46 -12.18 19.56
CA TYR B 305 12.58 -11.33 20.38
C TYR B 305 12.89 -11.30 21.86
N ARG B 306 13.87 -12.10 22.27
CA ARG B 306 14.29 -12.17 23.67
C ARG B 306 13.14 -12.08 24.67
N LEU B 307 12.05 -12.78 24.43
CA LEU B 307 10.93 -12.72 25.36
C LEU B 307 11.25 -13.54 26.61
N SER B 308 12.44 -14.16 26.59
CA SER B 308 12.91 -14.97 27.71
C SER B 308 13.46 -14.03 28.79
N GLU B 309 14.16 -12.98 28.36
CA GLU B 309 14.73 -11.98 29.27
C GLU B 309 13.63 -11.32 30.08
N ILE B 310 12.41 -11.37 29.57
CA ILE B 310 11.27 -10.77 30.28
C ILE B 310 10.62 -11.84 31.15
N TYR B 311 10.89 -13.09 30.83
CA TYR B 311 10.35 -14.21 31.60
C TYR B 311 11.23 -14.39 32.84
N GLU B 312 12.53 -14.21 32.65
CA GLU B 312 13.53 -14.33 33.72
C GLU B 312 13.63 -12.98 34.43
N LYS B 313 12.49 -12.35 34.67
CA LYS B 313 12.46 -11.06 35.34
C LYS B 313 11.06 -10.82 35.88
N VAL B 314 10.18 -11.79 35.71
CA VAL B 314 8.81 -11.69 36.19
C VAL B 314 8.31 -13.06 36.60
N LYS B 315 9.13 -14.08 36.37
CA LYS B 315 8.76 -15.42 36.76
C LYS B 315 8.35 -15.48 38.23
N GLU B 316 8.89 -14.51 39.00
CA GLU B 316 8.65 -14.42 40.43
C GLU B 316 7.46 -13.50 40.73
N GLU B 317 7.60 -12.20 40.42
CA GLU B 317 6.56 -11.20 40.66
C GLU B 317 5.14 -11.76 40.58
N LYS B 318 4.36 -11.63 41.67
CA LYS B 318 3.02 -12.18 41.75
C LYS B 318 2.00 -11.18 41.21
N THR B 319 2.28 -10.49 40.13
CA THR B 319 1.35 -9.54 39.52
C THR B 319 0.31 -10.31 38.70
N GLU B 320 -0.92 -9.80 38.64
CA GLU B 320 -1.98 -10.47 37.90
C GLU B 320 -1.58 -10.74 36.45
N ASP B 321 -0.70 -9.89 35.92
CA ASP B 321 -0.23 -10.03 34.54
C ASP B 321 1.03 -10.88 34.41
N ALA B 322 1.86 -10.87 35.46
CA ALA B 322 3.12 -11.63 35.45
C ALA B 322 2.88 -13.14 35.52
N GLN B 323 1.70 -13.51 36.01
CA GLN B 323 1.32 -14.92 36.15
C GLN B 323 0.57 -15.42 34.92
N LYS B 324 -0.09 -14.50 34.22
CA LYS B 324 -0.78 -14.85 32.98
C LYS B 324 0.20 -14.93 31.82
N PHE B 325 1.23 -14.07 31.90
CA PHE B 325 2.29 -14.01 30.89
C PHE B 325 3.15 -15.26 30.92
N CYS B 326 3.55 -15.67 32.13
CA CYS B 326 4.39 -16.85 32.29
C CYS B 326 3.60 -18.13 32.03
N LYS B 327 2.29 -18.07 32.24
CA LYS B 327 1.46 -19.23 31.94
C LYS B 327 1.50 -19.57 30.46
N PHE B 328 1.40 -18.48 29.66
CA PHE B 328 1.45 -18.58 28.21
C PHE B 328 2.85 -18.90 27.68
N TYR B 329 3.82 -18.06 28.06
CA TYR B 329 5.21 -18.22 27.64
C TYR B 329 5.70 -19.65 27.75
N GLU B 330 5.07 -20.42 28.63
CA GLU B 330 5.45 -21.80 28.83
C GLU B 330 4.63 -22.75 27.96
N GLN B 331 3.41 -22.34 27.63
CA GLN B 331 2.54 -23.15 26.77
C GLN B 331 3.22 -23.25 25.41
N ALA B 332 3.72 -22.12 24.96
CA ALA B 332 4.41 -22.01 23.68
C ALA B 332 5.72 -22.77 23.69
N ALA B 333 6.45 -22.67 24.79
CA ALA B 333 7.72 -23.37 24.92
C ALA B 333 7.49 -24.87 24.89
N ASN B 334 6.34 -25.31 25.39
CA ASN B 334 5.99 -26.73 25.40
C ASN B 334 5.98 -27.29 23.98
N VAL B 335 5.52 -26.49 23.03
CA VAL B 335 5.44 -26.91 21.65
C VAL B 335 6.49 -26.26 20.76
N GLY B 336 6.83 -25.01 21.08
CA GLY B 336 7.79 -24.26 20.28
C GLY B 336 9.26 -24.42 20.59
N ALA B 337 9.60 -24.70 21.85
CA ALA B 337 11.01 -24.86 22.20
C ALA B 337 11.54 -26.13 21.54
N VAL B 338 12.51 -25.95 20.65
CA VAL B 338 13.11 -27.07 19.93
C VAL B 338 14.56 -26.73 19.65
N SER B 339 15.47 -27.57 20.13
CA SER B 339 16.88 -27.34 19.94
C SER B 339 17.30 -27.39 18.47
N PRO B 340 18.03 -26.36 18.03
CA PRO B 340 18.53 -26.25 16.66
C PRO B 340 19.29 -27.48 16.21
N SER B 341 19.96 -28.14 17.16
CA SER B 341 20.74 -29.33 16.84
C SER B 341 19.88 -30.45 16.27
N GLU B 342 18.56 -30.32 16.39
CA GLU B 342 17.65 -31.33 15.87
C GLU B 342 17.21 -31.07 14.43
N TRP B 343 17.58 -29.91 13.87
CA TRP B 343 17.18 -29.59 12.49
C TRP B 343 18.07 -28.63 11.72
N ALA B 344 18.59 -27.60 12.39
CA ALA B 344 19.45 -26.62 11.73
C ALA B 344 20.88 -27.11 11.55
N TYR B 345 21.11 -28.01 10.60
CA TYR B 345 22.45 -28.53 10.36
C TYR B 345 22.55 -29.14 8.96
N PRO B 346 23.74 -29.10 8.35
CA PRO B 346 24.94 -28.48 8.93
C PRO B 346 24.80 -26.97 8.74
N PRO B 347 25.74 -26.17 9.27
CA PRO B 347 25.60 -24.72 9.07
C PRO B 347 25.88 -24.28 7.62
N VAL B 348 25.26 -23.18 7.22
CA VAL B 348 25.42 -22.66 5.85
C VAL B 348 26.89 -22.51 5.46
N ALA B 349 27.69 -21.98 6.37
CA ALA B 349 29.10 -21.79 6.09
C ALA B 349 29.78 -23.10 5.69
N GLN B 350 29.43 -24.18 6.37
CA GLN B 350 30.04 -25.47 6.09
C GLN B 350 29.74 -25.93 4.67
N LEU B 351 28.49 -25.77 4.24
CA LEU B 351 28.09 -26.16 2.89
C LEU B 351 28.74 -25.23 1.87
N ALA B 352 28.90 -23.98 2.26
CA ALA B 352 29.49 -22.97 1.39
C ALA B 352 30.94 -23.31 1.09
N ASN B 353 31.68 -23.75 2.10
CA ASN B 353 33.10 -24.09 1.94
C ASN B 353 33.37 -25.32 1.07
N VAL B 354 32.62 -26.40 1.31
CA VAL B 354 32.78 -27.65 0.57
C VAL B 354 33.62 -27.50 -0.71
C1 EDO C . 5.42 -3.50 -13.67
O1 EDO C . 4.34 -3.89 -14.69
C2 EDO C . 6.40 -2.41 -14.15
O2 EDO C . 5.60 -1.38 -15.01
C1 EDO D . -6.15 9.35 -9.93
O1 EDO D . -6.10 9.72 -11.43
C2 EDO D . -6.46 10.53 -8.97
O2 EDO D . -8.02 10.82 -9.03
MG MG E . 8.43 -4.91 14.66
MG MG F . 13.01 -4.84 12.32
MG MG G . 11.42 -3.43 8.56
C01 SAZ H . 8.14 -9.23 8.77
C02 SAZ H . 8.56 -7.83 8.15
C03 SAZ H . 8.34 -10.31 7.66
C05 SAZ H . 10.10 -7.86 7.94
C07 SAZ H . 9.79 -10.25 7.12
C08 SAZ H . 8.95 -10.62 11.69
C09 SAZ H . 7.53 -10.90 11.25
C10 SAZ H . 6.72 -9.65 10.82
C13 SAZ H . 10.12 -11.14 11.25
C16 SAZ H . 10.33 -12.17 10.16
C17 SAZ H . 11.40 -10.68 11.86
C25 SAZ H . 10.59 -9.14 7.24
C26 SAZ H . 11.99 -9.13 6.73
N35 SAZ H . 6.73 -9.31 9.37
C36 SAZ H . 5.92 -8.10 9.26
P1 POP I . 9.84 -5.47 11.54
O1 POP I . 9.59 -4.35 12.53
O2 POP I . 11.00 -5.12 10.63
O3 POP I . 8.64 -5.73 10.74
O POP I . 9.90 -6.81 12.44
P2 POP I . 11.04 -7.20 13.59
O4 POP I . 11.01 -6.16 14.75
O5 POP I . 12.37 -7.22 12.87
O6 POP I . 10.56 -8.49 14.05
C1 EDO J . 9.96 -6.43 -9.33
O1 EDO J . 11.41 -6.04 -9.01
C2 EDO J . 9.72 -7.95 -9.50
O2 EDO J . 10.06 -8.63 -8.13
#